data_3NC5
#
_entry.id   3NC5
#
_cell.length_a   63.800
_cell.length_b   105.400
_cell.length_c   143.900
_cell.angle_alpha   90.00
_cell.angle_beta   90.00
_cell.angle_gamma   90.00
#
_symmetry.space_group_name_H-M   'P 21 21 21'
#
loop_
_entity.id
_entity.type
_entity.pdbx_description
1 polymer 'Cytochrome P450 cypX'
2 non-polymer 'PROTOPORPHYRIN IX CONTAINING FE'
3 non-polymer GLYCEROL
4 non-polymer 'MAGNESIUM ION'
5 water water
#
_entity_poly.entity_id   1
_entity_poly.type   'polypeptide(L)'
_entity_poly.pdbx_seq_one_letter_code
;MGSSHHHHHHSSGLVPRGSHMASMTGGQQMGRGSEFMSQSIKLFSVLSDQFQNNPYAYFSQLREEDPVHYEESIDSYFIS
RYHDVRYILQHPDIFTTKSLVERAEPVMRGPVLAQMHGKEHSAKRRIVVRSFIGDALDHLSPLIKQNAENLLAPYLERGK
SDLVNDFGKTFAVCVTMDMLGLDKRDHEKISEWHSGVADFITSISQSPEARAHSLWCSEQLSQYLMPVIKERRVNPGSDL
ISILCTSEYEGMALSDKDILALILNVLLAATEPADKTLALMIYHLLNNPEQMNDVLADRSLVPRAIAETLRYKPPVQLIP
RQLSQDTVVGGMEIKKDTIVFCMIGAANRDPEAFEQPDVFNIHREDLGIKSAFSGAARHLAFGSGIHNCVGTAFAKNEIE
IVANIVLDKMRNIRLEEDFCYAESGLYTRGPVSLLVAFDGA
;
_entity_poly.pdbx_strand_id   A,B
#
# COMPACT_ATOMS: atom_id res chain seq x y z
N LYS A 42 22.36 -15.10 -10.75
CA LYS A 42 22.68 -16.23 -11.69
C LYS A 42 24.02 -16.90 -11.39
N LEU A 43 25.11 -16.20 -11.70
CA LEU A 43 26.42 -16.49 -11.11
C LEU A 43 26.71 -15.39 -10.09
N PHE A 44 25.65 -14.70 -9.68
CA PHE A 44 25.66 -13.71 -8.62
C PHE A 44 25.58 -14.43 -7.28
N SER A 45 25.82 -13.71 -6.17
CA SER A 45 25.69 -14.31 -4.84
C SER A 45 24.95 -13.43 -3.84
N VAL A 46 24.12 -14.09 -3.02
CA VAL A 46 23.21 -13.40 -2.12
C VAL A 46 23.81 -13.29 -0.72
N LEU A 47 25.12 -13.50 -0.61
CA LEU A 47 25.85 -13.30 0.65
C LEU A 47 26.88 -12.20 0.45
N SER A 48 27.00 -11.73 -0.78
CA SER A 48 27.98 -10.73 -1.18
C SER A 48 27.72 -9.38 -0.54
N ASP A 49 28.77 -8.56 -0.44
CA ASP A 49 28.66 -7.17 -0.02
C ASP A 49 27.69 -6.39 -0.93
N GLN A 50 27.61 -6.83 -2.18
CA GLN A 50 26.78 -6.23 -3.20
C GLN A 50 25.30 -6.41 -2.86
N PHE A 51 24.93 -7.65 -2.55
CA PHE A 51 23.56 -7.98 -2.16
C PHE A 51 23.24 -7.33 -0.82
N GLN A 52 24.14 -7.52 0.14
CA GLN A 52 23.96 -7.02 1.49
C GLN A 52 23.68 -5.51 1.51
N ASN A 53 24.17 -4.79 0.49
CA ASN A 53 23.96 -3.36 0.37
C ASN A 53 22.51 -2.98 0.03
N ASN A 54 21.90 -3.73 -0.89
CA ASN A 54 20.50 -3.50 -1.28
C ASN A 54 19.85 -4.78 -1.85
N PRO A 55 19.37 -5.66 -0.95
CA PRO A 55 18.77 -6.93 -1.35
C PRO A 55 17.57 -6.78 -2.29
N TYR A 56 16.83 -5.69 -2.14
CA TYR A 56 15.61 -5.44 -2.93
C TYR A 56 15.91 -5.19 -4.41
N ALA A 57 17.15 -4.83 -4.72
CA ALA A 57 17.53 -4.48 -6.08
C ALA A 57 17.67 -5.73 -6.97
N TYR A 58 17.57 -6.91 -6.35
CA TYR A 58 17.88 -8.16 -7.01
C TYR A 58 16.77 -9.18 -6.92
N PHE A 59 15.74 -8.90 -6.14
CA PHE A 59 14.66 -9.84 -5.93
C PHE A 59 13.89 -10.21 -7.21
N SER A 60 13.58 -9.21 -8.04
CA SER A 60 12.83 -9.44 -9.27
C SER A 60 13.57 -10.44 -10.16
N GLN A 61 14.81 -10.12 -10.50
CA GLN A 61 15.68 -10.99 -11.27
C GLN A 61 15.69 -12.40 -10.71
N LEU A 62 15.64 -12.48 -9.38
CA LEU A 62 15.83 -13.73 -8.67
C LEU A 62 14.66 -14.67 -8.87
N ARG A 63 13.44 -14.19 -8.62
CA ARG A 63 12.26 -15.03 -8.84
C ARG A 63 11.88 -15.16 -10.31
N GLU A 64 12.42 -14.28 -11.15
CA GLU A 64 12.20 -14.34 -12.60
C GLU A 64 13.11 -15.30 -13.35
N GLU A 65 14.37 -15.45 -12.93
CA GLU A 65 15.28 -16.36 -13.66
C GLU A 65 16.14 -17.35 -12.86
N ASP A 66 16.08 -17.29 -11.53
CA ASP A 66 16.74 -18.29 -10.69
C ASP A 66 16.03 -18.46 -9.34
N PRO A 67 14.75 -18.89 -9.39
CA PRO A 67 13.89 -18.96 -8.19
C PRO A 67 14.36 -19.98 -7.16
N VAL A 68 15.32 -20.81 -7.55
CA VAL A 68 15.98 -21.75 -6.65
C VAL A 68 17.51 -21.55 -6.75
N HIS A 69 17.95 -20.39 -6.25
CA HIS A 69 19.34 -19.94 -6.36
C HIS A 69 20.26 -20.70 -5.43
N TYR A 70 21.24 -21.36 -6.02
CA TYR A 70 22.25 -22.09 -5.28
C TYR A 70 23.38 -21.17 -4.84
N GLU A 71 23.91 -21.43 -3.65
CA GLU A 71 25.07 -20.70 -3.17
C GLU A 71 26.29 -21.64 -3.11
N GLU A 72 27.49 -21.08 -3.23
CA GLU A 72 28.71 -21.88 -3.22
C GLU A 72 29.16 -22.26 -1.81
N SER A 73 29.19 -21.27 -0.91
CA SER A 73 29.72 -21.40 0.47
C SER A 73 29.12 -22.61 1.19
N ILE A 74 27.83 -22.48 1.50
CA ILE A 74 26.93 -23.61 1.68
C ILE A 74 26.33 -23.73 0.26
N ASP A 75 25.92 -24.91 -0.24
CA ASP A 75 25.38 -26.10 0.46
C ASP A 75 23.96 -25.84 0.95
N SER A 76 23.40 -24.73 0.45
CA SER A 76 22.04 -24.34 0.72
C SER A 76 21.47 -23.66 -0.52
N TYR A 77 20.15 -23.73 -0.66
CA TYR A 77 19.44 -23.11 -1.76
C TYR A 77 18.58 -21.93 -1.29
N PHE A 78 18.57 -20.85 -2.07
CA PHE A 78 17.83 -19.65 -1.72
C PHE A 78 16.59 -19.46 -2.60
N ILE A 79 15.43 -19.38 -1.95
CA ILE A 79 14.14 -19.49 -2.64
C ILE A 79 13.30 -18.20 -2.60
N SER A 80 13.04 -17.67 -3.79
CA SER A 80 12.59 -16.29 -3.96
C SER A 80 11.12 -16.11 -4.34
N ARG A 81 10.50 -17.17 -4.84
CA ARG A 81 9.12 -17.06 -5.34
C ARG A 81 8.13 -17.28 -4.20
N TYR A 82 7.28 -16.27 -3.94
CA TYR A 82 6.28 -16.28 -2.88
C TYR A 82 5.60 -17.63 -2.68
N HIS A 83 5.04 -18.17 -3.76
CA HIS A 83 4.39 -19.47 -3.79
C HIS A 83 5.29 -20.59 -3.24
N ASP A 84 6.52 -20.67 -3.72
CA ASP A 84 7.49 -21.66 -3.24
C ASP A 84 7.81 -21.43 -1.74
N VAL A 85 8.02 -20.18 -1.38
CA VAL A 85 8.29 -19.82 0.01
C VAL A 85 7.11 -20.22 0.91
N ARG A 86 5.90 -19.77 0.56
CA ARG A 86 4.72 -20.08 1.36
C ARG A 86 4.54 -21.60 1.50
N TYR A 87 4.69 -22.34 0.39
CA TYR A 87 4.58 -23.80 0.40
C TYR A 87 5.47 -24.43 1.47
N ILE A 88 6.74 -23.99 1.52
CA ILE A 88 7.74 -24.51 2.46
C ILE A 88 7.36 -24.31 3.93
N LEU A 89 7.00 -23.08 4.30
CA LEU A 89 6.62 -22.74 5.68
C LEU A 89 5.40 -23.52 6.13
N GLN A 90 4.45 -23.69 5.21
CA GLN A 90 3.20 -24.37 5.51
C GLN A 90 3.38 -25.86 5.73
N HIS A 91 4.53 -26.41 5.33
CA HIS A 91 4.73 -27.86 5.36
C HIS A 91 5.96 -28.30 6.18
N PRO A 92 5.83 -28.24 7.52
CA PRO A 92 6.94 -28.48 8.44
C PRO A 92 7.35 -29.96 8.51
N ASP A 93 6.40 -30.85 8.26
CA ASP A 93 6.71 -32.27 8.17
C ASP A 93 7.74 -32.55 7.08
N ILE A 94 7.66 -31.80 5.99
CA ILE A 94 8.63 -31.90 4.88
C ILE A 94 9.82 -30.95 5.09
N PHE A 95 9.54 -29.73 5.55
CA PHE A 95 10.57 -28.73 5.77
C PHE A 95 10.73 -28.41 7.24
N THR A 96 11.65 -29.13 7.87
CA THR A 96 11.87 -29.09 9.31
C THR A 96 12.76 -27.93 9.77
N THR A 97 12.55 -27.52 11.02
CA THR A 97 13.35 -26.50 11.67
C THR A 97 13.74 -27.04 13.05
N LYS A 98 14.39 -26.22 13.87
CA LYS A 98 14.76 -26.68 15.19
C LYS A 98 13.65 -26.49 16.21
N SER A 99 13.69 -27.34 17.25
CA SER A 99 12.74 -27.29 18.34
C SER A 99 12.97 -26.08 19.23
N LEU A 100 11.94 -25.68 19.94
CA LEU A 100 11.96 -24.52 20.77
C LEU A 100 12.96 -24.67 21.90
N VAL A 101 13.17 -25.89 22.34
CA VAL A 101 14.07 -26.13 23.43
C VAL A 101 15.48 -26.50 23.03
N GLU A 102 15.79 -26.44 21.76
CA GLU A 102 17.15 -26.66 21.26
C GLU A 102 17.85 -25.31 21.04
N ARG A 103 19.17 -25.31 21.24
CA ARG A 103 19.97 -24.08 21.35
C ARG A 103 20.15 -23.25 20.06
N ALA A 104 20.86 -22.14 20.21
CA ALA A 104 21.42 -21.36 19.11
C ALA A 104 22.58 -22.03 18.38
N GLU A 105 22.60 -21.87 17.06
CA GLU A 105 23.63 -22.43 16.21
C GLU A 105 23.81 -21.42 15.10
N PRO A 106 24.97 -21.40 14.45
CA PRO A 106 25.13 -20.44 13.37
C PRO A 106 24.06 -20.76 12.35
N VAL A 107 23.37 -19.74 11.84
CA VAL A 107 22.34 -19.97 10.84
C VAL A 107 23.05 -20.31 9.52
N MET A 108 23.95 -19.43 9.06
CA MET A 108 24.55 -19.55 7.73
C MET A 108 25.45 -20.79 7.67
N ARG A 109 26.48 -20.80 8.50
CA ARG A 109 27.38 -21.93 8.66
C ARG A 109 26.72 -23.08 9.39
N SER A 122 8.75 -31.38 16.64
CA SER A 122 8.28 -30.78 17.89
C SER A 122 7.33 -31.72 18.66
N ALA A 123 6.82 -31.23 19.80
CA ALA A 123 5.76 -31.92 20.54
C ALA A 123 4.61 -30.96 20.83
N LYS A 124 4.68 -29.78 20.21
CA LYS A 124 3.65 -28.72 20.28
C LYS A 124 3.47 -28.00 21.63
N ARG A 125 4.57 -27.43 22.10
CA ARG A 125 4.55 -26.44 23.16
C ARG A 125 4.21 -25.08 22.56
N ARG A 126 4.31 -24.96 21.23
CA ARG A 126 4.08 -23.68 20.56
C ARG A 126 2.77 -23.06 21.03
N ILE A 127 1.69 -23.84 20.97
CA ILE A 127 0.39 -23.48 21.51
C ILE A 127 0.50 -23.07 22.97
N VAL A 128 1.00 -23.98 23.79
CA VAL A 128 1.16 -23.76 25.23
C VAL A 128 1.94 -22.47 25.55
N VAL A 129 3.05 -22.27 24.85
CA VAL A 129 3.85 -21.05 24.98
C VAL A 129 3.08 -19.81 24.48
N ARG A 130 2.38 -19.97 23.37
CA ARG A 130 1.59 -18.90 22.76
C ARG A 130 0.44 -18.46 23.67
N SER A 131 -0.13 -19.40 24.40
CA SER A 131 -1.16 -19.12 25.39
C SER A 131 -0.57 -18.33 26.55
N PHE A 132 0.66 -18.68 26.94
CA PHE A 132 1.33 -18.02 28.04
C PHE A 132 1.64 -16.57 27.69
N ILE A 133 2.39 -16.37 26.61
CA ILE A 133 2.60 -15.04 26.05
C ILE A 133 1.27 -14.30 25.95
N GLY A 134 0.20 -15.06 25.76
CA GLY A 134 -1.15 -14.50 25.59
C GLY A 134 -1.80 -14.03 26.86
N ASP A 135 -1.66 -14.80 27.94
CA ASP A 135 -2.17 -14.38 29.26
C ASP A 135 -1.34 -13.20 29.77
N ALA A 136 -0.12 -13.09 29.26
CA ALA A 136 0.87 -12.14 29.79
C ALA A 136 0.62 -10.68 29.44
N LEU A 137 0.28 -10.43 28.18
CA LEU A 137 0.38 -9.09 27.61
C LEU A 137 -0.50 -8.05 28.31
N ASP A 138 -1.58 -8.51 28.91
CA ASP A 138 -2.54 -7.63 29.54
C ASP A 138 -2.04 -7.04 30.87
N HIS A 139 -1.14 -7.73 31.55
CA HIS A 139 -0.47 -7.16 32.74
C HIS A 139 0.87 -6.50 32.38
N LEU A 140 1.34 -6.77 31.17
CA LEU A 140 2.60 -6.22 30.70
C LEU A 140 2.42 -4.89 29.99
N SER A 141 1.23 -4.63 29.45
CA SER A 141 0.97 -3.40 28.71
C SER A 141 1.30 -2.10 29.46
N PRO A 142 0.98 -2.01 30.76
CA PRO A 142 1.37 -0.80 31.47
C PRO A 142 2.87 -0.73 31.68
N LEU A 143 3.56 -1.85 31.49
CA LEU A 143 5.00 -1.89 31.62
C LEU A 143 5.71 -1.56 30.30
N ILE A 144 5.15 -1.98 29.18
CA ILE A 144 5.66 -1.54 27.87
C ILE A 144 5.59 -0.01 27.81
N LYS A 145 4.45 0.53 28.26
CA LYS A 145 4.18 1.97 28.41
C LYS A 145 5.18 2.77 29.28
N GLN A 146 5.47 2.29 30.49
CA GLN A 146 6.46 2.97 31.35
C GLN A 146 7.81 2.97 30.65
N ASN A 147 8.27 1.79 30.25
CA ASN A 147 9.48 1.65 29.45
C ASN A 147 9.59 2.73 28.37
N ALA A 148 8.66 2.74 27.43
CA ALA A 148 8.67 3.77 26.40
C ALA A 148 8.90 5.16 27.02
N GLU A 149 7.96 5.57 27.86
CA GLU A 149 7.97 6.89 28.50
C GLU A 149 9.28 7.22 29.24
N ASN A 150 9.81 6.22 29.95
CA ASN A 150 11.02 6.36 30.77
C ASN A 150 12.28 6.53 29.93
N LEU A 151 12.37 5.80 28.83
CA LEU A 151 13.55 5.85 27.99
C LEU A 151 13.57 7.05 27.06
N LEU A 152 12.41 7.63 26.76
CA LEU A 152 12.38 8.80 25.90
C LEU A 152 12.68 10.07 26.68
N ALA A 153 12.51 9.98 28.00
CA ALA A 153 12.54 11.15 28.86
C ALA A 153 13.88 11.89 28.89
N PRO A 154 15.01 11.18 28.73
CA PRO A 154 16.27 11.91 28.65
C PRO A 154 16.52 12.60 27.31
N TYR A 155 15.60 12.49 26.35
CA TYR A 155 15.81 13.08 25.02
C TYR A 155 14.86 14.23 24.62
N LEU A 156 13.69 14.29 25.24
CA LEU A 156 12.70 15.31 24.92
C LEU A 156 13.31 16.71 24.95
N GLU A 157 14.15 16.98 25.95
CA GLU A 157 14.78 18.29 26.09
C GLU A 157 15.54 18.71 24.84
N ARG A 158 16.34 17.80 24.31
CA ARG A 158 17.19 18.08 23.17
C ARG A 158 16.38 18.31 21.89
N GLY A 159 15.30 17.56 21.73
CA GLY A 159 14.50 17.58 20.50
C GLY A 159 15.22 16.81 19.39
N LYS A 160 15.86 15.72 19.79
CA LYS A 160 16.77 14.95 18.94
C LYS A 160 17.05 13.58 19.57
N SER A 161 16.87 12.53 18.79
CA SER A 161 17.20 11.17 19.21
C SER A 161 17.68 10.33 18.05
N ASP A 162 18.27 9.19 18.39
CA ASP A 162 18.54 8.14 17.44
C ASP A 162 17.60 7.02 17.84
N LEU A 163 16.53 6.82 17.09
CA LEU A 163 15.52 5.84 17.48
C LEU A 163 16.09 4.43 17.58
N VAL A 164 17.06 4.11 16.73
CA VAL A 164 17.68 2.79 16.72
C VAL A 164 18.56 2.60 17.97
N ASN A 165 19.52 3.52 18.13
CA ASN A 165 20.61 3.39 19.13
C ASN A 165 20.33 4.02 20.50
N ASP A 166 19.75 5.22 20.51
CA ASP A 166 19.44 5.90 21.75
C ASP A 166 18.18 5.38 22.47
N PHE A 167 17.35 4.61 21.77
CA PHE A 167 16.03 4.22 22.31
C PHE A 167 15.55 2.80 22.01
N GLY A 168 15.65 2.41 20.75
CA GLY A 168 15.06 1.17 20.26
C GLY A 168 15.61 -0.09 20.89
N LYS A 169 16.92 -0.31 20.76
CA LYS A 169 17.56 -1.53 21.26
C LYS A 169 17.34 -1.74 22.77
N THR A 170 17.44 -0.67 23.55
CA THR A 170 17.25 -0.74 24.99
C THR A 170 15.79 -1.02 25.36
N PHE A 171 14.89 -0.39 24.59
CA PHE A 171 13.45 -0.54 24.80
C PHE A 171 13.03 -1.99 24.63
N ALA A 172 13.44 -2.59 23.51
CA ALA A 172 13.11 -3.96 23.19
C ALA A 172 13.63 -4.90 24.28
N VAL A 173 14.87 -4.70 24.71
CA VAL A 173 15.48 -5.48 25.78
C VAL A 173 14.64 -5.44 27.07
N CYS A 174 14.33 -4.25 27.55
CA CYS A 174 13.45 -4.09 28.74
C CYS A 174 12.08 -4.79 28.65
N VAL A 175 11.39 -4.65 27.52
CA VAL A 175 10.12 -5.37 27.32
C VAL A 175 10.29 -6.89 27.45
N THR A 176 11.32 -7.46 26.83
CA THR A 176 11.59 -8.89 26.95
C THR A 176 11.97 -9.25 28.40
N MET A 177 12.65 -8.33 29.07
CA MET A 177 13.04 -8.51 30.47
C MET A 177 11.82 -8.64 31.41
N ASP A 178 10.82 -7.79 31.22
CA ASP A 178 9.58 -7.86 32.01
C ASP A 178 8.79 -9.14 31.74
N MET A 179 8.89 -9.62 30.51
CA MET A 179 8.24 -10.85 30.12
C MET A 179 8.87 -11.97 30.89
N LEU A 180 10.20 -11.96 30.92
CA LEU A 180 10.99 -12.94 31.65
C LEU A 180 11.08 -12.63 33.16
N GLY A 181 10.62 -11.44 33.56
CA GLY A 181 10.58 -11.03 34.97
C GLY A 181 11.91 -10.65 35.59
N LEU A 182 12.85 -10.17 34.76
CA LEU A 182 14.19 -9.87 35.22
C LEU A 182 14.33 -8.39 35.58
N ASP A 183 15.11 -8.11 36.62
CA ASP A 183 15.32 -6.75 37.16
C ASP A 183 15.93 -5.83 36.11
N LYS A 184 15.22 -4.78 35.71
CA LYS A 184 15.67 -3.86 34.65
C LYS A 184 16.86 -2.95 35.01
N ARG A 185 17.33 -3.01 36.25
CA ARG A 185 18.60 -2.37 36.62
C ARG A 185 19.76 -3.01 35.84
N ASP A 186 19.57 -4.28 35.50
CA ASP A 186 20.56 -5.09 34.82
C ASP A 186 20.45 -5.00 33.30
N HIS A 187 19.71 -4.01 32.78
CA HIS A 187 19.45 -3.95 31.33
C HIS A 187 20.71 -3.82 30.45
N GLU A 188 21.72 -3.10 30.94
CA GLU A 188 22.97 -2.95 30.17
C GLU A 188 23.80 -4.24 30.07
N LYS A 189 23.87 -5.01 31.15
CA LYS A 189 24.56 -6.29 31.12
C LYS A 189 23.94 -7.20 30.07
N ILE A 190 22.60 -7.25 30.08
CA ILE A 190 21.83 -8.19 29.30
C ILE A 190 21.88 -7.82 27.85
N SER A 191 21.73 -6.54 27.55
CA SER A 191 21.72 -6.06 26.17
C SER A 191 23.04 -6.37 25.47
N GLU A 192 24.11 -6.28 26.23
CA GLU A 192 25.44 -6.63 25.79
C GLU A 192 25.52 -8.13 25.49
N TRP A 193 25.18 -8.95 26.48
CA TRP A 193 25.28 -10.39 26.34
C TRP A 193 24.48 -10.90 25.17
N HIS A 194 23.30 -10.32 24.98
CA HIS A 194 22.39 -10.75 23.90
C HIS A 194 22.95 -10.47 22.50
N SER A 195 23.75 -9.42 22.36
CA SER A 195 24.41 -9.09 21.08
C SER A 195 25.50 -10.08 20.69
N GLY A 196 26.34 -10.43 21.67
CA GLY A 196 27.32 -11.49 21.51
C GLY A 196 26.68 -12.72 20.91
N VAL A 197 25.61 -13.20 21.54
CA VAL A 197 24.92 -14.41 21.11
C VAL A 197 24.30 -14.22 19.74
N ALA A 198 23.63 -13.08 19.57
CA ALA A 198 22.99 -12.72 18.31
C ALA A 198 24.00 -12.69 17.16
N ASP A 199 25.20 -12.16 17.43
CA ASP A 199 26.21 -12.02 16.41
C ASP A 199 26.75 -13.38 16.01
N PHE A 200 26.95 -14.27 16.99
CA PHE A 200 27.47 -15.60 16.75
C PHE A 200 26.47 -16.41 15.95
N ILE A 201 25.21 -16.03 16.05
CA ILE A 201 24.17 -16.73 15.32
C ILE A 201 24.05 -16.17 13.92
N THR A 202 23.87 -14.86 13.80
CA THR A 202 23.59 -14.22 12.52
C THR A 202 24.74 -14.22 11.52
N SER A 203 25.98 -14.17 12.03
CA SER A 203 27.13 -13.91 11.16
C SER A 203 27.55 -15.08 10.30
N ILE A 204 28.06 -14.75 9.11
CA ILE A 204 28.69 -15.67 8.19
C ILE A 204 30.02 -16.10 8.78
N SER A 205 30.89 -15.11 8.98
CA SER A 205 32.22 -15.31 9.56
C SER A 205 32.42 -14.47 10.82
N GLN A 206 33.38 -14.88 11.64
CA GLN A 206 33.74 -14.14 12.86
C GLN A 206 35.25 -14.11 13.06
N SER A 207 35.71 -13.06 13.76
CA SER A 207 37.09 -12.97 14.24
C SER A 207 37.24 -13.73 15.56
N PRO A 208 38.43 -14.35 15.81
CA PRO A 208 38.73 -15.03 17.07
C PRO A 208 38.29 -14.28 18.33
N GLU A 209 38.40 -12.95 18.30
CA GLU A 209 37.99 -12.06 19.39
C GLU A 209 36.46 -12.00 19.54
N ALA A 210 35.77 -11.91 18.40
CA ALA A 210 34.31 -11.92 18.34
C ALA A 210 33.70 -13.24 18.83
N ARG A 211 34.28 -14.37 18.41
CA ARG A 211 33.83 -15.67 18.90
C ARG A 211 34.11 -15.83 20.39
N ALA A 212 35.29 -15.38 20.82
CA ALA A 212 35.65 -15.37 22.23
C ALA A 212 34.62 -14.59 23.04
N HIS A 213 34.25 -13.41 22.55
CA HIS A 213 33.28 -12.54 23.22
C HIS A 213 31.88 -13.14 23.15
N SER A 214 31.59 -13.85 22.07
CA SER A 214 30.30 -14.49 21.89
C SER A 214 30.09 -15.68 22.82
N LEU A 215 31.15 -16.42 23.10
CA LEU A 215 31.06 -17.52 24.04
C LEU A 215 31.04 -17.02 25.49
N TRP A 216 31.68 -15.89 25.74
CA TRP A 216 31.71 -15.28 27.07
C TRP A 216 30.31 -14.82 27.44
N CYS A 217 29.59 -14.38 26.40
CA CYS A 217 28.27 -13.80 26.55
C CYS A 217 27.26 -14.82 27.00
N SER A 218 27.31 -15.99 26.39
CA SER A 218 26.36 -17.04 26.72
C SER A 218 26.76 -17.71 28.02
N GLU A 219 28.06 -17.71 28.31
CA GLU A 219 28.56 -18.22 29.59
C GLU A 219 27.97 -17.37 30.72
N GLN A 220 27.94 -16.05 30.50
CA GLN A 220 27.34 -15.08 31.44
C GLN A 220 25.83 -15.22 31.59
N LEU A 221 25.11 -15.35 30.48
CA LEU A 221 23.66 -15.59 30.51
C LEU A 221 23.31 -16.87 31.24
N SER A 222 23.97 -17.96 30.88
CA SER A 222 23.81 -19.24 31.57
C SER A 222 23.99 -19.06 33.09
N GLN A 223 25.11 -18.46 33.50
CA GLN A 223 25.40 -18.14 34.90
C GLN A 223 24.44 -17.13 35.53
N TYR A 224 23.79 -16.32 34.71
CA TYR A 224 22.86 -15.34 35.23
C TYR A 224 21.45 -15.92 35.38
N LEU A 225 20.98 -16.64 34.36
CA LEU A 225 19.60 -17.11 34.32
C LEU A 225 19.35 -18.44 35.04
N MET A 226 20.39 -19.25 35.21
CA MET A 226 20.22 -20.55 35.85
C MET A 226 19.79 -20.45 37.33
N PRO A 227 20.42 -19.55 38.12
CA PRO A 227 19.97 -19.36 39.50
C PRO A 227 18.54 -18.81 39.62
N VAL A 228 18.02 -18.18 38.57
CA VAL A 228 16.65 -17.69 38.52
C VAL A 228 15.65 -18.85 38.31
N ILE A 229 15.94 -19.75 37.37
CA ILE A 229 15.13 -20.97 37.17
C ILE A 229 14.96 -21.77 38.47
N LYS A 230 16.05 -21.86 39.24
CA LYS A 230 16.01 -22.55 40.52
C LYS A 230 15.08 -21.81 41.50
N GLU A 231 15.29 -20.51 41.64
CA GLU A 231 14.43 -19.63 42.45
C GLU A 231 12.94 -19.82 42.15
N ARG A 232 12.60 -19.84 40.86
CA ARG A 232 11.21 -19.79 40.45
C ARG A 232 10.59 -21.17 40.22
N ARG A 233 11.41 -22.21 40.26
CA ARG A 233 10.89 -23.58 40.26
C ARG A 233 10.12 -23.85 41.55
N VAL A 234 10.54 -23.18 42.63
CA VAL A 234 9.93 -23.38 43.95
C VAL A 234 9.21 -22.15 44.52
N ASN A 235 9.61 -20.97 44.05
CA ASN A 235 8.86 -19.74 44.32
C ASN A 235 8.50 -19.02 43.04
N PRO A 236 7.46 -19.51 42.33
CA PRO A 236 7.10 -18.92 41.05
C PRO A 236 6.29 -17.64 41.25
N GLY A 237 6.16 -16.87 40.17
CA GLY A 237 5.36 -15.65 40.17
C GLY A 237 4.46 -15.68 38.96
N SER A 238 4.29 -14.52 38.33
CA SER A 238 3.47 -14.42 37.12
C SER A 238 4.28 -14.33 35.81
N ASP A 239 5.61 -14.29 35.94
CA ASP A 239 6.53 -14.11 34.82
C ASP A 239 6.64 -15.39 33.98
N LEU A 240 7.17 -15.24 32.77
CA LEU A 240 7.22 -16.34 31.81
C LEU A 240 8.09 -17.50 32.29
N ILE A 241 9.21 -17.19 32.94
CA ILE A 241 10.10 -18.24 33.45
C ILE A 241 9.34 -19.11 34.46
N SER A 242 8.69 -18.45 35.43
CA SER A 242 7.94 -19.12 36.47
C SER A 242 6.88 -20.07 35.92
N ILE A 243 6.18 -19.62 34.87
CA ILE A 243 5.14 -20.42 34.24
C ILE A 243 5.74 -21.65 33.54
N LEU A 244 6.88 -21.48 32.89
CA LEU A 244 7.60 -22.59 32.29
C LEU A 244 8.04 -23.63 33.33
N CYS A 245 8.41 -23.15 34.51
CA CYS A 245 8.85 -24.02 35.60
C CYS A 245 7.73 -24.87 36.20
N THR A 246 6.55 -24.27 36.36
CA THR A 246 5.41 -24.95 37.02
C THR A 246 4.45 -25.64 36.04
N SER A 247 4.92 -25.93 34.83
CA SER A 247 4.15 -26.63 33.78
C SER A 247 2.79 -25.98 33.43
N GLU A 248 1.63 -26.62 33.65
CA GLU A 248 1.45 -27.95 34.21
C GLU A 248 0.82 -28.89 33.16
N TYR A 249 1.22 -28.70 31.90
CA TYR A 249 0.60 -29.39 30.77
C TYR A 249 1.61 -30.25 30.02
N MET A 252 4.28 -31.07 28.58
CA MET A 252 5.62 -30.48 28.72
C MET A 252 6.01 -30.18 30.18
N ALA A 253 6.63 -31.16 30.83
CA ALA A 253 7.22 -30.97 32.15
C ALA A 253 8.73 -30.81 31.95
N LEU A 254 9.14 -29.58 31.65
CA LEU A 254 10.51 -29.28 31.19
C LEU A 254 11.59 -29.26 32.28
N SER A 255 12.78 -29.67 31.89
CA SER A 255 13.97 -29.65 32.76
C SER A 255 14.64 -28.27 32.73
N ASP A 256 15.58 -28.07 33.65
CA ASP A 256 16.29 -26.79 33.82
C ASP A 256 17.06 -26.39 32.58
N LYS A 257 17.82 -27.32 32.01
CA LYS A 257 18.63 -27.05 30.82
C LYS A 257 17.74 -26.68 29.63
N ASP A 258 16.63 -27.39 29.49
CA ASP A 258 15.65 -27.11 28.46
C ASP A 258 15.06 -25.71 28.63
N ILE A 259 14.62 -25.40 29.86
CA ILE A 259 14.03 -24.09 30.11
C ILE A 259 15.01 -22.98 29.74
N LEU A 260 16.24 -23.08 30.25
CA LEU A 260 17.28 -22.14 29.84
C LEU A 260 17.30 -21.97 28.32
N ALA A 261 17.40 -23.07 27.59
CA ALA A 261 17.46 -23.01 26.13
C ALA A 261 16.24 -22.29 25.55
N LEU A 262 15.06 -22.65 26.04
CA LEU A 262 13.81 -22.05 25.59
C LEU A 262 13.81 -20.52 25.74
N ILE A 263 14.04 -20.03 26.95
CA ILE A 263 14.06 -18.58 27.19
C ILE A 263 15.18 -17.87 26.43
N LEU A 264 16.30 -18.55 26.24
CA LEU A 264 17.38 -18.04 25.40
C LEU A 264 16.87 -17.76 24.01
N ASN A 265 16.07 -18.70 23.48
CA ASN A 265 15.43 -18.54 22.19
C ASN A 265 14.38 -17.45 22.21
N VAL A 266 13.59 -17.39 23.28
CA VAL A 266 12.64 -16.29 23.44
C VAL A 266 13.38 -14.95 23.49
N LEU A 267 14.47 -14.88 24.24
CA LEU A 267 15.29 -13.67 24.29
C LEU A 267 15.74 -13.19 22.90
N LEU A 268 16.29 -14.09 22.08
CA LEU A 268 16.72 -13.75 20.72
C LEU A 268 15.57 -13.40 19.80
N ALA A 269 14.45 -14.08 19.98
CA ALA A 269 13.31 -13.94 19.10
C ALA A 269 12.57 -12.61 19.29
N ALA A 270 12.38 -12.25 20.55
CA ALA A 270 11.50 -11.16 20.91
C ALA A 270 12.19 -9.83 20.96
N THR A 271 13.50 -9.81 20.67
CA THR A 271 14.27 -8.58 20.88
C THR A 271 14.60 -7.81 19.60
N GLU A 272 15.45 -8.38 18.74
CA GLU A 272 15.84 -7.67 17.53
C GLU A 272 14.65 -7.24 16.65
N PRO A 273 13.74 -8.19 16.29
CA PRO A 273 12.69 -7.80 15.37
C PRO A 273 11.84 -6.60 15.84
N ALA A 274 11.69 -6.41 17.14
CA ALA A 274 10.86 -5.33 17.66
C ALA A 274 11.45 -3.96 17.34
N ASP A 275 12.68 -3.68 17.81
CA ASP A 275 13.26 -2.37 17.55
C ASP A 275 13.42 -2.07 16.07
N LYS A 276 13.71 -3.09 15.28
CA LYS A 276 13.92 -2.91 13.86
C LYS A 276 12.61 -2.41 13.26
N THR A 277 11.54 -3.15 13.52
CA THR A 277 10.24 -2.79 13.02
C THR A 277 9.92 -1.33 13.37
N LEU A 278 10.09 -0.95 14.64
CA LEU A 278 9.75 0.41 15.05
C LEU A 278 10.51 1.44 14.19
N ALA A 279 11.80 1.23 14.01
CA ALA A 279 12.64 2.11 13.21
C ALA A 279 12.17 2.17 11.75
N LEU A 280 11.93 1.00 11.15
CA LEU A 280 11.53 0.91 9.74
C LEU A 280 10.21 1.62 9.50
N MET A 281 9.20 1.25 10.28
CA MET A 281 7.88 1.88 10.19
C MET A 281 7.97 3.40 10.32
N ILE A 282 8.70 3.91 11.30
CA ILE A 282 8.86 5.36 11.45
C ILE A 282 9.59 5.98 10.25
N TYR A 283 10.62 5.30 9.74
CA TYR A 283 11.34 5.81 8.55
C TYR A 283 10.44 5.94 7.32
N HIS A 284 9.68 4.88 7.02
CA HIS A 284 8.87 4.85 5.83
C HIS A 284 7.63 5.73 5.97
N LEU A 285 7.11 5.85 7.19
CA LEU A 285 6.03 6.80 7.43
C LEU A 285 6.53 8.21 7.17
N LEU A 286 7.73 8.51 7.64
CA LEU A 286 8.34 9.82 7.43
C LEU A 286 8.82 10.07 6.00
N ASN A 287 9.05 8.99 5.26
CA ASN A 287 9.49 9.09 3.87
C ASN A 287 8.31 9.33 2.94
N ASN A 288 7.12 9.01 3.46
CA ASN A 288 5.87 9.23 2.77
C ASN A 288 5.02 10.12 3.65
N PRO A 289 5.48 11.37 3.84
CA PRO A 289 4.98 12.25 4.90
C PRO A 289 3.46 12.40 4.93
N GLU A 290 2.79 12.20 3.80
CA GLU A 290 1.34 12.31 3.77
C GLU A 290 0.63 11.06 4.30
N GLN A 291 1.33 9.94 4.35
CA GLN A 291 0.86 8.74 5.06
C GLN A 291 1.04 8.95 6.56
N MET A 292 2.16 9.60 6.92
CA MET A 292 2.43 10.02 8.29
C MET A 292 1.29 10.85 8.84
N ASN A 293 0.79 11.79 8.04
CA ASN A 293 -0.27 12.68 8.48
C ASN A 293 -1.59 11.96 8.70
N ASP A 294 -1.86 10.94 7.89
CA ASP A 294 -3.03 10.08 8.05
C ASP A 294 -2.94 9.32 9.36
N VAL A 295 -1.74 8.85 9.67
CA VAL A 295 -1.50 8.13 10.93
C VAL A 295 -1.65 9.06 12.14
N LEU A 296 -1.09 10.27 12.05
CA LEU A 296 -1.22 11.26 13.11
C LEU A 296 -2.67 11.59 13.38
N ALA A 297 -3.47 11.63 12.32
CA ALA A 297 -4.89 12.04 12.38
C ALA A 297 -5.87 10.90 12.71
N ASP A 298 -5.39 9.65 12.65
CA ASP A 298 -6.17 8.49 13.08
C ASP A 298 -5.23 7.40 13.55
N ARG A 299 -5.16 7.17 14.86
CA ARG A 299 -4.16 6.24 15.41
C ARG A 299 -4.54 4.79 15.25
N SER A 300 -5.83 4.56 14.94
CA SER A 300 -6.29 3.21 14.67
C SER A 300 -5.62 2.62 13.42
N LEU A 301 -5.04 3.48 12.58
CA LEU A 301 -4.21 3.06 11.46
C LEU A 301 -2.91 2.38 11.86
N VAL A 302 -2.42 2.61 13.08
CA VAL A 302 -1.09 2.08 13.46
C VAL A 302 -0.91 0.60 13.08
N PRO A 303 -1.81 -0.29 13.56
CA PRO A 303 -1.65 -1.68 13.17
C PRO A 303 -1.36 -1.85 11.68
N ARG A 304 -2.04 -1.09 10.81
CA ARG A 304 -1.81 -1.18 9.35
C ARG A 304 -0.40 -0.72 8.99
N ALA A 305 -0.02 0.46 9.48
CA ALA A 305 1.35 0.95 9.34
C ALA A 305 2.37 -0.13 9.73
N ILE A 306 2.11 -0.83 10.84
CA ILE A 306 2.98 -1.92 11.26
C ILE A 306 3.04 -3.00 10.16
N ALA A 307 1.88 -3.53 9.81
CA ALA A 307 1.83 -4.66 8.89
C ALA A 307 2.54 -4.33 7.58
N GLU A 308 2.31 -3.13 7.04
CA GLU A 308 2.85 -2.79 5.73
C GLU A 308 4.35 -2.63 5.82
N THR A 309 4.84 -2.22 6.98
CA THR A 309 6.29 -2.21 7.22
C THR A 309 6.81 -3.65 7.23
N LEU A 310 6.23 -4.49 8.08
CA LEU A 310 6.55 -5.91 8.06
C LEU A 310 6.58 -6.45 6.63
N ARG A 311 5.60 -6.06 5.82
CA ARG A 311 5.60 -6.47 4.42
C ARG A 311 6.75 -5.79 3.67
N TYR A 312 6.78 -4.46 3.73
CA TYR A 312 7.68 -3.71 2.87
C TYR A 312 9.12 -4.09 3.11
N LYS A 313 9.48 -4.27 4.37
CA LYS A 313 10.86 -4.42 4.76
C LYS A 313 11.05 -5.39 5.93
N PRO A 314 10.67 -6.68 5.74
CA PRO A 314 10.67 -7.64 6.84
C PRO A 314 11.99 -7.74 7.63
N PRO A 315 11.92 -7.63 8.97
CA PRO A 315 13.05 -7.71 9.88
C PRO A 315 13.87 -9.01 9.72
N VAL A 316 13.21 -10.15 9.91
CA VAL A 316 13.81 -11.45 9.59
C VAL A 316 13.81 -11.62 8.06
N GLN A 317 15.00 -11.60 7.45
CA GLN A 317 15.10 -11.65 6.00
C GLN A 317 15.22 -13.09 5.47
N LEU A 318 15.53 -14.02 6.37
CA LEU A 318 15.67 -15.42 5.98
C LEU A 318 15.04 -16.37 7.00
N ILE A 319 14.23 -17.30 6.50
CA ILE A 319 13.77 -18.41 7.33
C ILE A 319 14.38 -19.71 6.80
N PRO A 320 15.31 -20.30 7.58
CA PRO A 320 15.95 -21.55 7.22
C PRO A 320 15.06 -22.76 7.51
N ARG A 321 15.11 -23.74 6.61
CA ARG A 321 14.45 -25.03 6.79
C ARG A 321 15.35 -26.14 6.24
N GLN A 322 15.15 -27.36 6.72
CA GLN A 322 15.89 -28.52 6.22
C GLN A 322 14.93 -29.64 5.85
N LEU A 323 15.18 -30.26 4.70
CA LEU A 323 14.30 -31.30 4.19
C LEU A 323 14.46 -32.62 4.94
N SER A 324 13.38 -33.38 5.03
CA SER A 324 13.43 -34.75 5.55
C SER A 324 13.27 -35.76 4.43
N GLN A 325 13.00 -35.27 3.21
CA GLN A 325 12.73 -36.12 2.04
C GLN A 325 13.03 -35.41 0.72
N ASP A 326 13.49 -36.15 -0.27
CA ASP A 326 13.71 -35.63 -1.62
C ASP A 326 12.43 -35.01 -2.14
N THR A 327 12.43 -33.69 -2.36
CA THR A 327 11.20 -32.99 -2.69
C THR A 327 11.28 -32.05 -3.90
N VAL A 328 10.13 -31.86 -4.55
CA VAL A 328 9.97 -30.93 -5.66
C VAL A 328 9.68 -29.51 -5.16
N VAL A 329 10.60 -28.59 -5.42
CA VAL A 329 10.42 -27.18 -5.07
C VAL A 329 10.62 -26.31 -6.32
N GLY A 330 9.55 -25.63 -6.71
CA GLY A 330 9.54 -24.89 -7.98
C GLY A 330 9.69 -25.82 -9.17
N GLY A 331 10.80 -25.69 -9.88
CA GLY A 331 11.06 -26.53 -11.06
C GLY A 331 12.16 -27.55 -10.79
N MET A 332 13.12 -27.16 -9.95
CA MET A 332 14.29 -28.00 -9.66
C MET A 332 13.97 -29.09 -8.63
N GLU A 333 14.82 -30.14 -8.62
CA GLU A 333 14.72 -31.20 -7.61
C GLU A 333 15.89 -31.10 -6.63
N ILE A 334 15.57 -30.86 -5.35
CA ILE A 334 16.59 -30.77 -4.29
C ILE A 334 16.67 -32.03 -3.43
N LYS A 335 17.90 -32.42 -3.10
CA LYS A 335 18.20 -33.77 -2.59
C LYS A 335 18.28 -33.93 -1.06
N LYS A 336 17.78 -35.09 -0.60
CA LYS A 336 17.99 -35.61 0.76
C LYS A 336 17.63 -34.65 1.89
N ASP A 337 18.60 -34.36 2.75
CA ASP A 337 18.36 -33.53 3.94
C ASP A 337 19.28 -32.31 4.03
N THR A 338 19.24 -31.48 3.00
CA THR A 338 20.01 -30.24 3.00
C THR A 338 19.09 -29.07 3.32
N ILE A 339 19.68 -27.90 3.44
CA ILE A 339 19.00 -26.72 3.96
C ILE A 339 18.63 -25.73 2.86
N VAL A 340 17.46 -25.11 3.02
CA VAL A 340 16.98 -24.10 2.09
C VAL A 340 16.65 -22.81 2.84
N PHE A 341 16.83 -21.67 2.18
CA PHE A 341 16.54 -20.39 2.82
C PHE A 341 15.39 -19.65 2.15
N CYS A 342 14.30 -19.49 2.90
CA CYS A 342 13.17 -18.70 2.44
C CYS A 342 13.50 -17.21 2.46
N MET A 343 13.65 -16.64 1.27
CA MET A 343 13.95 -15.22 1.15
C MET A 343 12.67 -14.45 1.37
N ILE A 344 12.43 -14.06 2.63
CA ILE A 344 11.19 -13.36 2.99
C ILE A 344 11.05 -12.05 2.21
N GLY A 345 12.16 -11.32 2.06
CA GLY A 345 12.17 -10.09 1.29
C GLY A 345 11.73 -10.28 -0.17
N ALA A 346 12.15 -11.37 -0.79
CA ALA A 346 11.74 -11.67 -2.16
C ALA A 346 10.24 -12.00 -2.26
N ALA A 347 9.72 -12.68 -1.24
CA ALA A 347 8.32 -13.13 -1.21
C ALA A 347 7.33 -12.00 -1.10
N ASN A 348 7.63 -11.06 -0.19
CA ASN A 348 6.74 -9.91 0.08
C ASN A 348 6.73 -8.87 -1.01
N ARG A 349 7.73 -8.88 -1.89
CA ARG A 349 7.77 -7.97 -3.02
C ARG A 349 7.24 -8.60 -4.32
N ASP A 350 6.69 -9.81 -4.24
CA ASP A 350 6.27 -10.61 -5.40
C ASP A 350 4.96 -10.07 -6.02
N PRO A 351 5.02 -9.65 -7.31
CA PRO A 351 3.86 -9.11 -8.01
C PRO A 351 2.67 -10.06 -7.98
N GLU A 352 2.93 -11.34 -7.81
CA GLU A 352 1.87 -12.34 -7.82
C GLU A 352 1.27 -12.55 -6.43
N ALA A 353 1.78 -11.83 -5.45
CA ALA A 353 1.20 -11.82 -4.11
C ALA A 353 0.58 -10.47 -3.81
N PHE A 354 1.30 -9.38 -4.10
CA PHE A 354 0.79 -8.03 -3.90
C PHE A 354 0.88 -7.19 -5.16
N GLU A 355 -0.14 -6.35 -5.38
CA GLU A 355 -0.18 -5.42 -6.51
C GLU A 355 0.71 -4.21 -6.22
N GLN A 356 1.35 -3.66 -7.24
CA GLN A 356 2.38 -2.62 -7.07
C GLN A 356 3.19 -2.89 -5.79
N PRO A 357 3.92 -4.02 -5.76
CA PRO A 357 4.48 -4.48 -4.48
C PRO A 357 5.65 -3.67 -3.95
N ASP A 358 6.33 -2.91 -4.82
CA ASP A 358 7.48 -2.10 -4.41
C ASP A 358 7.07 -0.66 -4.10
N VAL A 359 5.91 -0.53 -3.44
CA VAL A 359 5.32 0.75 -3.09
C VAL A 359 4.79 0.62 -1.67
N PHE A 360 5.34 1.43 -0.78
CA PHE A 360 4.90 1.42 0.59
C PHE A 360 3.52 2.03 0.60
N ASN A 361 2.53 1.26 1.03
CA ASN A 361 1.16 1.76 1.11
C ASN A 361 0.40 1.13 2.26
N ILE A 362 0.20 1.90 3.33
CA ILE A 362 -0.51 1.41 4.52
C ILE A 362 -2.02 1.24 4.30
N HIS A 363 -2.55 1.83 3.23
CA HIS A 363 -3.96 1.71 2.87
C HIS A 363 -4.22 0.69 1.75
N ARG A 364 -3.33 -0.27 1.55
CA ARG A 364 -3.45 -1.22 0.42
C ARG A 364 -4.49 -2.32 0.68
N GLU A 365 -5.43 -2.46 -0.25
CA GLU A 365 -6.53 -3.42 -0.09
C GLU A 365 -6.14 -4.89 0.08
N ASP A 366 -4.97 -5.28 -0.38
CA ASP A 366 -4.58 -6.68 -0.33
C ASP A 366 -3.63 -7.04 0.84
N LEU A 367 -3.71 -6.25 1.91
CA LEU A 367 -2.85 -6.43 3.08
C LEU A 367 -3.42 -7.51 3.99
N GLY A 368 -4.75 -7.58 4.04
CA GLY A 368 -5.42 -8.50 4.93
C GLY A 368 -5.08 -8.16 6.37
N ILE A 369 -5.35 -6.92 6.75
CA ILE A 369 -5.19 -6.49 8.15
C ILE A 369 -5.85 -7.45 9.13
N LYS A 370 -7.13 -7.75 8.90
CA LYS A 370 -7.86 -8.71 9.73
C LYS A 370 -7.06 -9.98 10.05
N SER A 371 -6.01 -10.24 9.27
CA SER A 371 -5.25 -11.49 9.38
C SER A 371 -3.76 -11.27 9.57
N ALA A 372 -3.33 -10.02 9.39
CA ALA A 372 -1.92 -9.69 9.34
C ALA A 372 -1.07 -10.17 10.53
N PHE A 373 -1.70 -10.46 11.66
CA PHE A 373 -0.95 -10.82 12.87
C PHE A 373 -1.31 -12.22 13.36
N SER A 374 -1.50 -13.13 12.41
CA SER A 374 -1.86 -14.52 12.69
C SER A 374 -1.19 -15.47 11.70
N GLY A 375 -1.55 -16.75 11.78
CA GLY A 375 -0.98 -17.77 10.91
C GLY A 375 -1.34 -17.58 9.44
N ALA A 376 -2.43 -16.87 9.19
CA ALA A 376 -2.95 -16.72 7.84
C ALA A 376 -2.60 -15.38 7.19
N ALA A 377 -1.63 -14.66 7.77
CA ALA A 377 -1.15 -13.41 7.18
C ALA A 377 -0.82 -13.55 5.68
N ARG A 378 -1.14 -12.52 4.91
CA ARG A 378 -0.79 -12.47 3.50
C ARG A 378 0.72 -12.23 3.33
N HIS A 379 1.24 -11.26 4.07
CA HIS A 379 2.68 -11.04 4.12
C HIS A 379 3.29 -12.19 4.93
N LEU A 380 4.60 -12.35 4.85
CA LEU A 380 5.24 -13.52 5.48
C LEU A 380 6.34 -13.17 6.52
N ALA A 381 6.30 -11.95 7.05
CA ALA A 381 7.29 -11.49 8.01
C ALA A 381 7.35 -12.32 9.30
N PHE A 382 6.24 -12.92 9.69
CA PHE A 382 6.21 -13.84 10.83
C PHE A 382 6.33 -15.30 10.38
N GLY A 383 6.48 -15.51 9.08
CA GLY A 383 6.38 -16.85 8.50
C GLY A 383 4.96 -17.10 8.06
N SER A 384 4.56 -18.38 8.01
CA SER A 384 3.20 -18.76 7.65
C SER A 384 2.90 -20.17 8.14
N GLY A 385 1.70 -20.35 8.69
CA GLY A 385 1.25 -21.66 9.11
C GLY A 385 1.25 -21.85 10.61
N ILE A 386 1.35 -23.11 11.02
CA ILE A 386 1.25 -23.52 12.43
C ILE A 386 2.61 -23.38 13.15
N HIS A 387 3.60 -22.90 12.41
CA HIS A 387 4.95 -22.75 12.94
C HIS A 387 5.50 -21.31 12.85
N ASN A 388 4.60 -20.37 12.52
CA ASN A 388 4.96 -18.96 12.42
C ASN A 388 5.32 -18.37 13.78
N CYS A 389 5.64 -17.08 13.81
CA CYS A 389 6.04 -16.40 15.04
C CYS A 389 5.02 -16.76 16.13
N VAL A 390 5.52 -17.23 17.27
CA VAL A 390 4.72 -17.46 18.47
C VAL A 390 4.30 -16.15 19.16
N GLY A 391 5.07 -15.10 18.97
CA GLY A 391 4.84 -13.85 19.68
C GLY A 391 4.16 -12.83 18.79
N THR A 392 3.29 -13.32 17.92
CA THR A 392 2.68 -12.50 16.91
C THR A 392 1.70 -11.47 17.51
N ALA A 393 0.88 -11.93 18.46
CA ALA A 393 -0.05 -11.08 19.18
C ALA A 393 0.69 -10.08 20.07
N PHE A 394 1.79 -10.54 20.67
CA PHE A 394 2.63 -9.70 21.54
C PHE A 394 3.36 -8.61 20.77
N ALA A 395 3.94 -8.98 19.62
CA ALA A 395 4.66 -8.03 18.79
C ALA A 395 3.72 -6.89 18.43
N LYS A 396 2.57 -7.20 17.84
CA LYS A 396 1.57 -6.19 17.51
C LYS A 396 1.31 -5.22 18.68
N ASN A 397 0.82 -5.73 19.81
CA ASN A 397 0.55 -4.88 20.96
C ASN A 397 1.72 -3.97 21.34
N GLU A 398 2.93 -4.56 21.43
CA GLU A 398 4.15 -3.82 21.72
C GLU A 398 4.36 -2.67 20.74
N ILE A 399 4.60 -2.99 19.47
CA ILE A 399 4.84 -1.95 18.46
C ILE A 399 3.74 -0.89 18.39
N GLU A 400 2.49 -1.29 18.53
CA GLU A 400 1.40 -0.30 18.55
C GLU A 400 1.56 0.66 19.75
N ILE A 401 1.83 0.12 20.93
CA ILE A 401 2.03 0.95 22.10
C ILE A 401 3.22 1.92 21.94
N VAL A 402 4.41 1.39 21.64
CA VAL A 402 5.59 2.23 21.51
C VAL A 402 5.32 3.31 20.49
N ALA A 403 4.90 2.89 19.29
CA ALA A 403 4.61 3.81 18.20
C ALA A 403 3.78 5.00 18.67
N ASN A 404 2.70 4.71 19.38
CA ASN A 404 1.79 5.75 19.84
C ASN A 404 2.45 6.76 20.79
N ILE A 405 3.20 6.25 21.77
CA ILE A 405 3.96 7.11 22.70
C ILE A 405 4.97 7.98 21.94
N VAL A 406 5.73 7.37 21.05
CA VAL A 406 6.70 8.07 20.21
C VAL A 406 6.08 9.27 19.49
N LEU A 407 4.99 9.04 18.75
CA LEU A 407 4.27 10.10 18.05
C LEU A 407 3.68 11.18 18.98
N ASP A 408 3.31 10.80 20.20
CA ASP A 408 2.76 11.75 21.17
C ASP A 408 3.85 12.71 21.66
N LYS A 409 4.93 12.13 22.18
CA LYS A 409 6.01 12.86 22.83
C LYS A 409 6.99 13.49 21.83
N MET A 410 6.96 13.04 20.58
CA MET A 410 7.83 13.65 19.56
C MET A 410 7.02 14.43 18.54
N ARG A 411 6.43 15.52 19.02
CA ARG A 411 5.66 16.46 18.19
C ARG A 411 6.53 17.08 17.11
N ASN A 412 5.98 17.14 15.89
CA ASN A 412 6.65 17.68 14.71
C ASN A 412 7.88 16.91 14.23
N ILE A 413 7.96 15.64 14.62
CA ILE A 413 9.03 14.75 14.19
C ILE A 413 9.36 14.90 12.70
N ARG A 414 10.65 15.04 12.41
CA ARG A 414 11.15 15.09 11.04
C ARG A 414 12.45 14.31 11.00
N LEU A 415 12.92 13.93 9.81
CA LEU A 415 14.26 13.37 9.70
C LEU A 415 15.27 14.49 9.79
N GLU A 416 16.29 14.29 10.63
CA GLU A 416 17.40 15.20 10.74
C GLU A 416 18.02 15.44 9.36
N GLU A 417 18.48 16.67 9.12
CA GLU A 417 19.07 16.99 7.81
C GLU A 417 20.44 16.34 7.68
N ASP A 418 20.72 15.86 6.46
CA ASP A 418 21.95 15.12 6.14
C ASP A 418 22.11 13.79 6.89
N PHE A 419 21.03 13.35 7.55
CA PHE A 419 20.90 11.96 7.99
C PHE A 419 20.99 11.13 6.74
N CYS A 420 21.67 10.00 6.84
CA CYS A 420 21.87 9.15 5.68
C CYS A 420 21.32 7.73 5.91
N TYR A 421 20.10 7.49 5.43
CA TYR A 421 19.45 6.19 5.61
C TYR A 421 20.24 5.04 5.00
N ALA A 422 20.47 4.00 5.81
CA ALA A 422 21.26 2.84 5.42
C ALA A 422 20.87 1.60 6.23
N GLU A 423 20.77 0.46 5.56
CA GLU A 423 20.38 -0.80 6.19
C GLU A 423 21.54 -1.81 6.23
N SER A 424 21.39 -2.83 7.06
CA SER A 424 22.49 -3.70 7.46
C SER A 424 21.99 -5.07 7.92
N GLY A 425 22.75 -6.12 7.62
CA GLY A 425 22.41 -7.49 8.03
C GLY A 425 21.80 -8.36 6.95
N LEU A 426 22.08 -9.66 7.01
CA LEU A 426 21.54 -10.62 6.03
C LEU A 426 20.40 -11.48 6.55
N TYR A 427 20.59 -12.08 7.72
CA TYR A 427 19.56 -12.91 8.31
C TYR A 427 18.47 -12.01 8.90
N THR A 428 18.87 -11.14 9.83
CA THR A 428 18.03 -10.04 10.29
C THR A 428 18.57 -8.76 9.67
N ARG A 429 17.72 -7.76 9.54
CA ARG A 429 18.09 -6.53 8.85
C ARG A 429 17.27 -5.34 9.33
N GLY A 430 17.99 -4.29 9.73
CA GLY A 430 17.37 -3.00 10.08
C GLY A 430 18.24 -1.80 9.74
N PRO A 431 17.76 -0.59 10.06
CA PRO A 431 18.54 0.62 9.85
C PRO A 431 19.78 0.64 10.73
N VAL A 432 20.82 1.31 10.26
CA VAL A 432 22.04 1.46 11.06
C VAL A 432 21.71 2.43 12.18
N SER A 433 21.09 3.55 11.80
CA SER A 433 20.65 4.57 12.72
C SER A 433 19.33 5.16 12.23
N LEU A 434 18.66 5.92 13.10
CA LEU A 434 17.53 6.74 12.71
C LEU A 434 17.57 8.06 13.49
N LEU A 435 18.19 9.05 12.86
CA LEU A 435 18.41 10.34 13.46
C LEU A 435 17.20 11.21 13.15
N VAL A 436 16.44 11.53 14.20
CA VAL A 436 15.20 12.30 14.08
C VAL A 436 15.26 13.58 14.90
N ALA A 437 14.61 14.63 14.42
CA ALA A 437 14.51 15.89 15.16
C ALA A 437 13.05 16.25 15.39
N PHE A 438 12.75 16.79 16.56
CA PHE A 438 11.38 17.12 16.92
C PHE A 438 11.31 18.26 17.92
N ASP A 439 10.12 18.84 18.10
CA ASP A 439 9.87 19.84 19.13
C ASP A 439 9.84 19.15 20.49
N LYS B 42 -17.83 34.04 0.50
CA LYS B 42 -18.68 33.80 1.70
C LYS B 42 -20.15 33.56 1.34
N LEU B 43 -20.79 34.59 0.78
CA LEU B 43 -22.12 34.49 0.18
C LEU B 43 -21.98 34.27 -1.33
N PHE B 44 -21.10 33.33 -1.69
CA PHE B 44 -20.78 33.02 -3.08
C PHE B 44 -21.10 31.54 -3.36
N SER B 45 -21.82 31.29 -4.45
CA SER B 45 -22.25 29.93 -4.80
C SER B 45 -21.27 29.17 -5.71
N VAL B 46 -21.01 27.91 -5.37
CA VAL B 46 -20.15 27.02 -6.19
C VAL B 46 -20.95 26.21 -7.22
N LEU B 47 -22.17 26.68 -7.50
CA LEU B 47 -23.01 26.05 -8.49
C LEU B 47 -23.31 27.07 -9.59
N SER B 48 -22.98 28.33 -9.30
CA SER B 48 -23.21 29.46 -10.20
C SER B 48 -22.46 29.34 -11.52
N ASP B 49 -23.02 29.96 -12.57
CA ASP B 49 -22.36 30.05 -13.87
C ASP B 49 -20.93 30.60 -13.69
N GLN B 50 -20.81 31.61 -12.83
CA GLN B 50 -19.53 32.23 -12.46
C GLN B 50 -18.49 31.18 -12.03
N PHE B 51 -18.83 30.37 -11.05
CA PHE B 51 -17.90 29.34 -10.58
C PHE B 51 -17.65 28.33 -11.68
N GLN B 52 -18.72 27.89 -12.34
CA GLN B 52 -18.60 26.92 -13.42
C GLN B 52 -17.69 27.40 -14.55
N ASN B 53 -17.73 28.70 -14.85
CA ASN B 53 -16.85 29.28 -15.85
C ASN B 53 -15.38 28.96 -15.59
N ASN B 54 -14.95 29.11 -14.34
CA ASN B 54 -13.59 28.74 -13.93
C ASN B 54 -13.50 28.45 -12.42
N PRO B 55 -13.44 27.16 -12.04
CA PRO B 55 -13.38 26.82 -10.62
C PRO B 55 -12.05 27.20 -9.96
N TYR B 56 -10.97 27.26 -10.75
CA TYR B 56 -9.62 27.44 -10.22
C TYR B 56 -9.30 28.84 -9.75
N ALA B 57 -10.02 29.82 -10.29
CA ALA B 57 -9.87 31.21 -9.89
C ALA B 57 -10.35 31.47 -8.45
N TYR B 58 -11.13 30.54 -7.89
CA TYR B 58 -11.81 30.73 -6.60
C TYR B 58 -11.41 29.78 -5.48
N PHE B 59 -10.62 28.75 -5.79
CA PHE B 59 -10.22 27.73 -4.81
C PHE B 59 -9.44 28.31 -3.63
N SER B 60 -8.41 29.10 -3.94
CA SER B 60 -7.57 29.73 -2.92
C SER B 60 -8.44 30.40 -1.88
N GLN B 61 -9.39 31.20 -2.38
CA GLN B 61 -10.35 31.94 -1.54
C GLN B 61 -11.18 31.00 -0.67
N LEU B 62 -11.49 29.83 -1.18
CA LEU B 62 -12.38 28.89 -0.50
C LEU B 62 -11.78 28.23 0.72
N ARG B 63 -10.55 27.74 0.61
CA ARG B 63 -9.93 27.02 1.73
C ARG B 63 -9.29 27.93 2.78
N GLU B 64 -8.98 29.17 2.39
CA GLU B 64 -8.40 30.15 3.30
C GLU B 64 -9.42 30.71 4.29
N GLU B 65 -10.65 30.95 3.84
CA GLU B 65 -11.65 31.63 4.68
C GLU B 65 -13.06 31.02 4.82
N ASP B 66 -13.40 30.03 3.99
CA ASP B 66 -14.67 29.32 4.14
C ASP B 66 -14.54 27.84 3.74
N PRO B 67 -13.76 27.06 4.52
CA PRO B 67 -13.36 25.72 4.10
C PRO B 67 -14.52 24.73 4.10
N VAL B 68 -15.39 24.84 5.10
CA VAL B 68 -16.58 24.00 5.17
C VAL B 68 -17.81 24.77 4.69
N HIS B 69 -17.81 25.11 3.41
CA HIS B 69 -18.80 25.96 2.77
C HIS B 69 -20.17 25.29 2.57
N TYR B 70 -21.21 25.87 3.18
CA TYR B 70 -22.59 25.41 3.02
C TYR B 70 -23.18 26.01 1.74
N GLU B 71 -24.20 25.37 1.18
CA GLU B 71 -24.93 25.93 0.04
C GLU B 71 -26.44 26.01 0.28
N GLU B 72 -27.08 27.08 -0.20
CA GLU B 72 -28.55 27.15 -0.20
C GLU B 72 -29.09 26.06 -1.15
N SER B 73 -30.40 25.82 -1.06
CA SER B 73 -31.04 24.62 -1.64
C SER B 73 -30.53 23.44 -0.82
N ILE B 74 -29.83 22.51 -1.46
CA ILE B 74 -28.97 21.58 -0.74
C ILE B 74 -27.87 22.44 -0.12
N ASP B 75 -27.68 22.45 1.21
CA ASP B 75 -28.09 21.44 2.22
C ASP B 75 -26.98 20.40 2.27
N SER B 76 -25.86 20.77 1.67
CA SER B 76 -24.65 19.98 1.63
C SER B 76 -23.46 20.94 1.69
N TYR B 77 -22.45 20.57 2.48
CA TYR B 77 -21.24 21.40 2.61
C TYR B 77 -20.21 21.04 1.55
N PHE B 78 -19.36 22.00 1.21
CA PHE B 78 -18.33 21.83 0.19
C PHE B 78 -16.94 22.03 0.78
N ILE B 79 -16.15 20.97 0.83
CA ILE B 79 -14.89 20.98 1.56
C ILE B 79 -13.69 21.14 0.62
N SER B 80 -12.89 22.16 0.88
CA SER B 80 -11.83 22.61 -0.03
C SER B 80 -10.39 22.29 0.39
N ARG B 81 -10.17 21.99 1.67
CA ARG B 81 -8.79 21.79 2.15
C ARG B 81 -8.30 20.35 1.95
N TYR B 82 -6.99 20.20 1.71
CA TYR B 82 -6.38 18.89 1.40
C TYR B 82 -6.47 17.90 2.57
N HIS B 83 -5.92 18.28 3.73
CA HIS B 83 -6.00 17.49 4.96
C HIS B 83 -7.42 16.96 5.15
N ASP B 84 -8.40 17.86 5.09
CA ASP B 84 -9.80 17.53 5.36
C ASP B 84 -10.44 16.61 4.32
N VAL B 85 -10.25 16.90 3.03
CA VAL B 85 -10.72 16.03 1.94
C VAL B 85 -10.10 14.64 2.06
N ARG B 86 -8.78 14.59 2.16
CA ARG B 86 -8.06 13.32 2.37
C ARG B 86 -8.60 12.56 3.57
N TYR B 87 -8.87 13.25 4.68
CA TYR B 87 -9.46 12.58 5.85
C TYR B 87 -10.81 11.94 5.54
N ILE B 88 -11.71 12.70 4.93
CA ILE B 88 -13.05 12.24 4.55
C ILE B 88 -13.01 11.00 3.64
N LEU B 89 -12.18 11.07 2.60
CA LEU B 89 -12.08 9.99 1.63
C LEU B 89 -11.58 8.68 2.22
N GLN B 90 -10.75 8.78 3.26
CA GLN B 90 -10.13 7.61 3.87
C GLN B 90 -11.06 6.86 4.81
N HIS B 91 -12.14 7.50 5.26
CA HIS B 91 -13.00 6.94 6.30
C HIS B 91 -14.44 6.68 5.82
N PRO B 92 -14.62 5.67 4.95
CA PRO B 92 -15.93 5.45 4.35
C PRO B 92 -16.93 4.83 5.33
N ASP B 93 -16.52 4.65 6.58
CA ASP B 93 -17.43 4.16 7.60
C ASP B 93 -18.16 5.32 8.23
N ILE B 94 -17.47 6.45 8.33
CA ILE B 94 -18.07 7.69 8.80
C ILE B 94 -18.71 8.40 7.60
N PHE B 95 -17.90 8.62 6.56
CA PHE B 95 -18.33 9.31 5.34
C PHE B 95 -18.59 8.29 4.22
N THR B 96 -19.79 7.72 4.22
CA THR B 96 -20.13 6.56 3.39
C THR B 96 -20.36 6.88 1.93
N THR B 97 -20.19 5.87 1.07
CA THR B 97 -20.51 5.96 -0.36
C THR B 97 -21.32 4.74 -0.82
N LYS B 98 -21.94 4.84 -2.00
CA LYS B 98 -22.69 3.73 -2.58
C LYS B 98 -21.77 2.70 -3.25
N SER B 99 -22.29 1.51 -3.54
CA SER B 99 -21.50 0.50 -4.28
C SER B 99 -22.08 0.01 -5.63
N LEU B 100 -23.42 -0.05 -5.72
CA LEU B 100 -24.21 -0.31 -6.96
C LEU B 100 -25.52 0.49 -7.07
N VAL B 101 -25.52 1.67 -7.70
CA VAL B 101 -26.74 2.46 -7.73
C VAL B 101 -27.59 2.77 -8.95
N GLU B 102 -27.09 3.61 -9.86
CA GLU B 102 -25.98 4.52 -9.60
C GLU B 102 -26.55 5.95 -9.61
N ARG B 103 -27.80 6.06 -10.07
CA ARG B 103 -28.57 7.31 -10.13
C ARG B 103 -28.34 8.15 -8.86
N ALA B 104 -27.87 9.38 -9.06
CA ALA B 104 -27.67 10.35 -7.99
C ALA B 104 -28.48 11.62 -8.25
N ARG B 126 -14.08 -4.65 -6.31
CA ARG B 126 -14.30 -5.12 -4.95
C ARG B 126 -15.38 -6.19 -4.94
N ILE B 127 -15.12 -7.29 -4.23
CA ILE B 127 -13.87 -7.50 -3.48
C ILE B 127 -12.70 -7.94 -4.39
N VAL B 128 -13.03 -8.68 -5.45
CA VAL B 128 -12.03 -9.22 -6.38
C VAL B 128 -12.06 -8.55 -7.74
N VAL B 129 -13.02 -7.64 -7.94
CA VAL B 129 -13.20 -6.98 -9.24
C VAL B 129 -11.92 -6.25 -9.63
N ARG B 130 -11.18 -5.76 -8.63
CA ARG B 130 -9.89 -5.11 -8.87
C ARG B 130 -8.92 -6.02 -9.63
N SER B 131 -8.98 -7.32 -9.35
CA SER B 131 -8.09 -8.29 -9.98
C SER B 131 -8.64 -8.81 -11.31
N PHE B 132 -9.95 -8.69 -11.50
CA PHE B 132 -10.53 -8.97 -12.80
C PHE B 132 -10.16 -7.88 -13.79
N ILE B 133 -10.20 -6.62 -13.36
CA ILE B 133 -9.57 -5.52 -14.10
C ILE B 133 -8.09 -5.83 -14.29
N GLY B 134 -7.44 -6.33 -13.24
CA GLY B 134 -6.04 -6.74 -13.28
C GLY B 134 -5.71 -7.68 -14.42
N ASP B 135 -6.34 -8.85 -14.45
CA ASP B 135 -6.07 -9.87 -15.47
C ASP B 135 -6.38 -9.36 -16.87
N ALA B 136 -7.26 -8.36 -16.95
CA ALA B 136 -7.63 -7.74 -18.22
C ALA B 136 -6.53 -6.83 -18.78
N LEU B 137 -5.90 -6.04 -17.91
CA LEU B 137 -4.85 -5.09 -18.36
C LEU B 137 -3.71 -5.81 -19.09
N ASP B 138 -3.51 -7.09 -18.81
CA ASP B 138 -2.63 -7.93 -19.61
C ASP B 138 -3.13 -8.03 -21.05
N HIS B 139 -4.30 -8.63 -21.26
CA HIS B 139 -4.73 -9.08 -22.59
C HIS B 139 -5.56 -8.09 -23.42
N LEU B 140 -5.92 -6.95 -22.84
CA LEU B 140 -6.66 -5.93 -23.56
C LEU B 140 -5.74 -4.87 -24.15
N SER B 141 -4.46 -4.89 -23.78
CA SER B 141 -3.52 -3.85 -24.22
C SER B 141 -3.36 -3.80 -25.74
N PRO B 142 -3.21 -4.97 -26.40
CA PRO B 142 -3.30 -4.98 -27.85
C PRO B 142 -4.64 -4.44 -28.40
N LEU B 143 -5.74 -4.61 -27.65
CA LEU B 143 -7.02 -4.07 -28.12
C LEU B 143 -7.12 -2.56 -27.90
N ILE B 144 -6.55 -2.06 -26.79
CA ILE B 144 -6.52 -0.62 -26.57
C ILE B 144 -5.64 0.02 -27.64
N LYS B 145 -4.56 -0.68 -28.00
CA LYS B 145 -3.63 -0.28 -29.05
C LYS B 145 -4.29 -0.20 -30.43
N GLN B 146 -5.07 -1.22 -30.76
CA GLN B 146 -5.76 -1.29 -32.05
C GLN B 146 -6.74 -0.15 -32.15
N ASN B 147 -7.53 0.03 -31.09
CA ASN B 147 -8.57 1.05 -31.04
C ASN B 147 -8.02 2.43 -31.34
N ALA B 148 -6.92 2.80 -30.71
CA ALA B 148 -6.27 4.08 -30.97
C ALA B 148 -5.85 4.24 -32.44
N GLU B 149 -5.23 3.22 -33.02
CA GLU B 149 -4.79 3.28 -34.42
C GLU B 149 -5.98 3.32 -35.38
N ASN B 150 -6.93 2.41 -35.19
CA ASN B 150 -8.11 2.40 -35.99
C ASN B 150 -8.85 3.73 -36.04
N LEU B 151 -8.96 4.39 -34.89
CA LEU B 151 -9.77 5.59 -34.76
C LEU B 151 -9.05 6.83 -35.23
N LEU B 152 -7.74 6.76 -35.35
CA LEU B 152 -6.98 7.89 -35.86
C LEU B 152 -6.82 7.75 -37.36
N ALA B 153 -7.05 6.53 -37.86
CA ALA B 153 -6.88 6.22 -39.27
C ALA B 153 -7.59 7.20 -40.21
N PRO B 154 -8.86 7.57 -39.90
CA PRO B 154 -9.57 8.47 -40.80
C PRO B 154 -9.12 9.92 -40.74
N TYR B 155 -8.16 10.23 -39.87
CA TYR B 155 -7.74 11.62 -39.61
C TYR B 155 -6.29 11.99 -40.00
N LEU B 156 -5.43 10.99 -40.20
CA LEU B 156 -4.02 11.24 -40.49
C LEU B 156 -3.78 11.87 -41.87
N GLU B 157 -4.81 11.82 -42.72
CA GLU B 157 -4.76 12.41 -44.05
C GLU B 157 -4.64 13.93 -43.97
N ARG B 158 -5.48 14.51 -43.12
CA ARG B 158 -5.69 15.96 -43.06
C ARG B 158 -4.60 16.69 -42.30
N GLY B 159 -4.26 16.20 -41.12
CA GLY B 159 -3.45 16.94 -40.16
C GLY B 159 -4.34 17.64 -39.14
N LYS B 160 -5.65 17.61 -39.39
CA LYS B 160 -6.64 18.22 -38.51
C LYS B 160 -7.23 17.13 -37.61
N SER B 161 -7.24 17.38 -36.30
CA SER B 161 -7.91 16.50 -35.37
C SER B 161 -8.53 17.28 -34.23
N ASP B 162 -9.61 16.74 -33.67
CA ASP B 162 -10.18 17.25 -32.44
C ASP B 162 -10.20 16.10 -31.42
N LEU B 163 -9.18 16.07 -30.57
CA LEU B 163 -8.93 14.92 -29.68
C LEU B 163 -10.04 14.60 -28.67
N VAL B 164 -11.02 15.48 -28.55
CA VAL B 164 -12.13 15.28 -27.62
C VAL B 164 -13.35 14.65 -28.33
N ASN B 165 -13.91 15.38 -29.29
CA ASN B 165 -15.12 14.97 -29.96
C ASN B 165 -14.86 14.05 -31.17
N ASP B 166 -13.71 14.19 -31.81
CA ASP B 166 -13.34 13.29 -32.90
C ASP B 166 -12.81 11.93 -32.42
N PHE B 167 -11.73 11.94 -31.64
CA PHE B 167 -11.05 10.71 -31.23
C PHE B 167 -11.37 10.26 -29.80
N GLY B 168 -11.05 11.12 -28.84
CA GLY B 168 -11.10 10.78 -27.42
C GLY B 168 -12.34 10.05 -26.96
N LYS B 169 -13.49 10.71 -27.08
CA LYS B 169 -14.75 10.18 -26.59
C LYS B 169 -14.99 8.74 -27.01
N THR B 170 -14.80 8.47 -28.28
CA THR B 170 -15.10 7.17 -28.88
C THR B 170 -14.14 6.07 -28.43
N PHE B 171 -12.89 6.48 -28.28
CA PHE B 171 -11.81 5.60 -27.87
C PHE B 171 -12.05 4.94 -26.52
N ALA B 172 -12.40 5.76 -25.53
CA ALA B 172 -12.61 5.27 -24.16
C ALA B 172 -13.86 4.37 -24.06
N VAL B 173 -14.92 4.74 -24.79
CA VAL B 173 -16.11 3.89 -24.96
C VAL B 173 -15.73 2.52 -25.55
N CYS B 174 -14.99 2.54 -26.64
CA CYS B 174 -14.45 1.33 -27.27
C CYS B 174 -13.59 0.45 -26.36
N VAL B 175 -12.73 1.05 -25.54
CA VAL B 175 -11.91 0.27 -24.60
C VAL B 175 -12.78 -0.36 -23.52
N THR B 176 -13.75 0.40 -23.04
CA THR B 176 -14.68 -0.09 -22.04
C THR B 176 -15.54 -1.22 -22.59
N MET B 177 -15.99 -1.06 -23.83
CA MET B 177 -16.75 -2.12 -24.51
C MET B 177 -15.90 -3.38 -24.67
N ASP B 178 -14.64 -3.21 -25.06
CA ASP B 178 -13.67 -4.32 -25.10
C ASP B 178 -13.53 -5.00 -23.74
N MET B 179 -13.51 -4.18 -22.68
CA MET B 179 -13.46 -4.70 -21.33
C MET B 179 -14.71 -5.51 -21.00
N LEU B 180 -15.84 -5.11 -21.58
CA LEU B 180 -17.14 -5.72 -21.29
C LEU B 180 -17.58 -6.70 -22.38
N GLY B 181 -16.71 -6.95 -23.36
CA GLY B 181 -17.01 -7.86 -24.47
C GLY B 181 -18.20 -7.51 -25.36
N LEU B 182 -18.48 -6.21 -25.50
CA LEU B 182 -19.56 -5.71 -26.33
C LEU B 182 -19.14 -5.54 -27.78
N ASP B 183 -20.07 -5.77 -28.71
CA ASP B 183 -19.78 -5.63 -30.15
C ASP B 183 -19.55 -4.18 -30.53
N LYS B 184 -18.37 -3.92 -31.07
CA LYS B 184 -17.90 -2.56 -31.26
C LYS B 184 -18.51 -1.89 -32.49
N ARG B 185 -19.22 -2.64 -33.31
CA ARG B 185 -20.01 -2.03 -34.39
C ARG B 185 -21.14 -1.20 -33.78
N ASP B 186 -21.41 -1.43 -32.50
CA ASP B 186 -22.46 -0.78 -31.77
C ASP B 186 -21.97 0.43 -31.00
N HIS B 187 -20.79 0.93 -31.32
CA HIS B 187 -20.17 1.93 -30.45
C HIS B 187 -20.94 3.26 -30.34
N GLU B 188 -21.64 3.64 -31.40
CA GLU B 188 -22.37 4.93 -31.38
C GLU B 188 -23.58 4.97 -30.44
N LYS B 189 -24.43 3.95 -30.51
CA LYS B 189 -25.55 3.82 -29.58
C LYS B 189 -25.03 3.86 -28.14
N ILE B 190 -24.20 2.88 -27.78
CA ILE B 190 -23.59 2.84 -26.46
C ILE B 190 -23.02 4.20 -26.07
N SER B 191 -22.28 4.83 -26.99
CA SER B 191 -21.74 6.17 -26.76
C SER B 191 -22.87 7.16 -26.44
N GLU B 192 -23.89 7.20 -27.30
CA GLU B 192 -25.01 8.11 -27.12
C GLU B 192 -25.66 7.84 -25.78
N TRP B 193 -26.10 6.59 -25.60
CA TRP B 193 -26.73 6.14 -24.36
C TRP B 193 -25.89 6.44 -23.12
N HIS B 194 -24.57 6.33 -23.23
CA HIS B 194 -23.71 6.61 -22.09
C HIS B 194 -23.77 8.08 -21.66
N SER B 195 -23.66 9.00 -22.62
CA SER B 195 -23.76 10.45 -22.37
C SER B 195 -25.05 10.82 -21.62
N GLY B 196 -26.16 10.25 -22.10
CA GLY B 196 -27.47 10.45 -21.50
C GLY B 196 -27.45 10.20 -20.00
N VAL B 197 -27.07 9.00 -19.60
CA VAL B 197 -27.00 8.66 -18.19
C VAL B 197 -26.08 9.63 -17.47
N ALA B 198 -24.85 9.76 -17.96
CA ALA B 198 -23.85 10.68 -17.42
C ALA B 198 -24.44 12.04 -17.11
N ASP B 199 -25.15 12.61 -18.09
CA ASP B 199 -25.84 13.89 -17.94
C ASP B 199 -26.76 13.89 -16.72
N PHE B 200 -27.63 12.88 -16.60
CA PHE B 200 -28.62 12.76 -15.52
C PHE B 200 -28.00 12.78 -14.13
N ILE B 201 -26.72 12.45 -14.07
CA ILE B 201 -26.00 12.21 -12.82
C ILE B 201 -25.11 13.40 -12.39
N THR B 202 -24.35 13.92 -13.36
CA THR B 202 -23.42 15.02 -13.16
C THR B 202 -24.08 16.41 -13.16
N SER B 203 -25.33 16.50 -13.63
CA SER B 203 -25.92 17.81 -13.90
C SER B 203 -26.64 18.45 -12.73
N ILE B 204 -26.32 19.71 -12.50
CA ILE B 204 -26.98 20.58 -11.53
C ILE B 204 -28.50 20.42 -11.62
N SER B 205 -29.01 20.60 -12.84
CA SER B 205 -30.43 20.48 -13.16
C SER B 205 -30.59 20.22 -14.66
N GLN B 206 -31.75 19.70 -15.05
CA GLN B 206 -31.99 19.37 -16.45
C GLN B 206 -33.31 19.94 -16.90
N SER B 207 -33.38 20.27 -18.19
CA SER B 207 -34.64 20.58 -18.88
C SER B 207 -35.45 19.28 -18.95
N PRO B 208 -36.78 19.38 -19.09
CA PRO B 208 -37.61 18.19 -19.11
C PRO B 208 -37.19 17.25 -20.22
N GLU B 209 -36.59 17.81 -21.27
CA GLU B 209 -36.22 17.10 -22.50
C GLU B 209 -34.97 16.25 -22.32
N ALA B 210 -33.91 16.92 -21.88
CA ALA B 210 -32.66 16.28 -21.50
C ALA B 210 -32.94 15.18 -20.47
N ARG B 211 -33.92 15.46 -19.61
CA ARG B 211 -34.27 14.55 -18.54
C ARG B 211 -35.06 13.35 -19.05
N ALA B 212 -35.92 13.60 -20.02
CA ALA B 212 -36.64 12.53 -20.71
C ALA B 212 -35.69 11.70 -21.58
N HIS B 213 -34.71 12.37 -22.18
CA HIS B 213 -33.67 11.72 -22.98
C HIS B 213 -32.84 10.82 -22.08
N SER B 214 -32.46 11.34 -20.93
CA SER B 214 -31.71 10.56 -19.96
C SER B 214 -32.42 9.29 -19.54
N LEU B 215 -33.75 9.32 -19.56
CA LEU B 215 -34.52 8.17 -19.09
C LEU B 215 -34.58 7.10 -20.16
N TRP B 216 -34.57 7.53 -21.42
CA TRP B 216 -34.62 6.67 -22.58
C TRP B 216 -33.29 5.91 -22.73
N CYS B 217 -32.18 6.63 -22.54
CA CYS B 217 -30.81 6.07 -22.62
C CYS B 217 -30.55 4.89 -21.67
N SER B 218 -30.88 5.07 -20.39
CA SER B 218 -30.68 3.99 -19.41
C SER B 218 -31.66 2.85 -19.66
N GLU B 219 -32.83 3.18 -20.19
CA GLU B 219 -33.76 2.14 -20.56
C GLU B 219 -33.27 1.35 -21.76
N GLN B 220 -32.69 2.05 -22.74
CA GLN B 220 -32.11 1.36 -23.90
C GLN B 220 -30.96 0.47 -23.46
N LEU B 221 -30.08 1.01 -22.60
CA LEU B 221 -28.93 0.28 -22.07
C LEU B 221 -29.36 -0.95 -21.30
N SER B 222 -30.55 -0.88 -20.73
CA SER B 222 -31.14 -2.00 -20.02
C SER B 222 -31.52 -3.10 -21.03
N GLN B 223 -32.30 -2.74 -22.05
CA GLN B 223 -32.75 -3.68 -23.09
C GLN B 223 -31.60 -4.23 -23.91
N TYR B 224 -30.53 -3.46 -24.01
CA TYR B 224 -29.36 -3.91 -24.73
C TYR B 224 -28.63 -4.98 -23.91
N LEU B 225 -28.31 -4.64 -22.65
CA LEU B 225 -27.45 -5.47 -21.81
C LEU B 225 -28.07 -6.73 -21.20
N MET B 226 -29.37 -6.70 -20.91
CA MET B 226 -30.05 -7.82 -20.25
C MET B 226 -29.97 -9.17 -20.99
N PRO B 227 -30.21 -9.17 -22.33
CA PRO B 227 -29.99 -10.38 -23.14
C PRO B 227 -28.54 -10.85 -23.19
N VAL B 228 -27.60 -9.94 -22.93
CA VAL B 228 -26.18 -10.28 -22.83
C VAL B 228 -25.86 -10.91 -21.47
N ILE B 229 -26.32 -10.29 -20.39
CA ILE B 229 -26.26 -10.88 -19.04
C ILE B 229 -26.82 -12.30 -19.08
N LYS B 230 -27.94 -12.48 -19.80
CA LYS B 230 -28.56 -13.79 -19.98
C LYS B 230 -27.70 -14.77 -20.78
N GLU B 231 -27.13 -14.28 -21.89
CA GLU B 231 -26.34 -15.11 -22.80
C GLU B 231 -25.09 -15.69 -22.14
N ARG B 232 -24.47 -14.89 -21.28
CA ARG B 232 -23.20 -15.26 -20.66
C ARG B 232 -23.38 -15.97 -19.31
N ARG B 233 -24.61 -15.95 -18.81
CA ARG B 233 -24.98 -16.76 -17.65
C ARG B 233 -24.76 -18.24 -17.96
N VAL B 234 -25.07 -18.63 -19.18
CA VAL B 234 -24.95 -20.01 -19.60
C VAL B 234 -23.82 -20.29 -20.61
N ASN B 235 -23.47 -19.29 -21.42
CA ASN B 235 -22.35 -19.39 -22.39
C ASN B 235 -21.25 -18.36 -22.11
N PRO B 236 -20.51 -18.54 -21.00
CA PRO B 236 -19.57 -17.52 -20.51
C PRO B 236 -18.30 -17.41 -21.36
N GLY B 237 -17.77 -16.19 -21.44
CA GLY B 237 -16.49 -15.93 -22.12
C GLY B 237 -15.47 -15.36 -21.14
N SER B 238 -14.51 -14.61 -21.68
CA SER B 238 -13.42 -14.04 -20.88
C SER B 238 -13.77 -12.66 -20.36
N ASP B 239 -14.84 -12.09 -20.90
CA ASP B 239 -15.17 -10.69 -20.68
C ASP B 239 -15.63 -10.45 -19.24
N LEU B 240 -15.74 -9.17 -18.88
CA LEU B 240 -16.09 -8.78 -17.53
C LEU B 240 -17.51 -9.17 -17.15
N ILE B 241 -18.43 -9.13 -18.12
CA ILE B 241 -19.81 -9.51 -17.87
C ILE B 241 -19.86 -11.00 -17.56
N SER B 242 -19.16 -11.79 -18.38
CA SER B 242 -19.14 -13.24 -18.24
C SER B 242 -18.68 -13.68 -16.86
N ILE B 243 -17.59 -13.08 -16.39
CA ILE B 243 -17.04 -13.43 -15.08
C ILE B 243 -18.04 -13.16 -13.95
N LEU B 244 -18.67 -11.98 -13.99
CA LEU B 244 -19.72 -11.63 -13.02
C LEU B 244 -20.96 -12.55 -13.07
N CYS B 245 -21.21 -13.16 -14.23
CA CYS B 245 -22.23 -14.20 -14.33
C CYS B 245 -21.78 -15.51 -13.70
N THR B 246 -20.48 -15.63 -13.40
CA THR B 246 -19.90 -16.89 -12.89
C THR B 246 -19.19 -16.78 -11.52
N SER B 247 -19.34 -15.64 -10.85
CA SER B 247 -18.90 -15.41 -9.45
C SER B 247 -17.37 -15.52 -9.25
N GLU B 248 -16.83 -16.39 -8.39
CA GLU B 248 -17.52 -17.19 -7.36
C GLU B 248 -16.75 -17.14 -6.03
N ALA B 253 -21.92 -14.64 -5.62
CA ALA B 253 -22.95 -15.07 -6.56
C ALA B 253 -24.05 -14.01 -6.74
N LEU B 254 -23.90 -13.20 -7.79
CA LEU B 254 -24.79 -12.05 -8.05
C LEU B 254 -25.96 -12.36 -9.00
N SER B 255 -27.07 -11.66 -8.82
CA SER B 255 -28.23 -11.77 -9.71
C SER B 255 -28.12 -10.84 -10.93
N ASP B 256 -29.01 -11.03 -11.89
CA ASP B 256 -29.04 -10.24 -13.13
C ASP B 256 -29.10 -8.74 -12.84
N LYS B 257 -30.03 -8.36 -11.97
CA LYS B 257 -30.25 -6.96 -11.59
C LYS B 257 -28.97 -6.33 -11.05
N ASP B 258 -28.28 -7.06 -10.19
CA ASP B 258 -27.03 -6.59 -9.57
C ASP B 258 -25.87 -6.51 -10.56
N ILE B 259 -25.82 -7.47 -11.49
CA ILE B 259 -24.82 -7.41 -12.58
C ILE B 259 -25.06 -6.15 -13.42
N LEU B 260 -26.30 -5.96 -13.87
CA LEU B 260 -26.66 -4.75 -14.61
C LEU B 260 -26.09 -3.51 -13.90
N ALA B 261 -26.48 -3.32 -12.64
CA ALA B 261 -26.01 -2.21 -11.80
C ALA B 261 -24.50 -2.08 -11.78
N LEU B 262 -23.79 -3.20 -11.67
CA LEU B 262 -22.32 -3.14 -11.64
C LEU B 262 -21.70 -2.74 -12.97
N ILE B 263 -22.14 -3.35 -14.07
CA ILE B 263 -21.56 -3.01 -15.36
C ILE B 263 -21.91 -1.59 -15.81
N LEU B 264 -23.13 -1.14 -15.51
CA LEU B 264 -23.47 0.27 -15.72
C LEU B 264 -22.55 1.19 -14.94
N ASN B 265 -22.24 0.84 -13.70
CA ASN B 265 -21.31 1.62 -12.89
C ASN B 265 -19.91 1.69 -13.48
N VAL B 266 -19.37 0.53 -13.83
CA VAL B 266 -18.09 0.44 -14.53
C VAL B 266 -18.16 1.31 -15.77
N LEU B 267 -19.20 1.10 -16.59
CA LEU B 267 -19.35 1.82 -17.84
C LEU B 267 -19.19 3.31 -17.60
N LEU B 268 -19.97 3.86 -16.67
CA LEU B 268 -19.88 5.29 -16.33
C LEU B 268 -18.49 5.66 -15.84
N ALA B 269 -17.96 4.85 -14.93
CA ALA B 269 -16.68 5.09 -14.26
C ALA B 269 -15.45 5.07 -15.17
N ALA B 270 -15.41 4.12 -16.10
CA ALA B 270 -14.24 3.85 -16.92
C ALA B 270 -14.11 4.78 -18.13
N THR B 271 -15.14 5.58 -18.39
CA THR B 271 -15.25 6.25 -19.67
C THR B 271 -14.84 7.73 -19.64
N GLU B 272 -15.68 8.58 -19.05
CA GLU B 272 -15.43 10.03 -19.03
C GLU B 272 -14.00 10.32 -18.54
N PRO B 273 -13.68 9.91 -17.29
CA PRO B 273 -12.36 10.26 -16.77
C PRO B 273 -11.20 10.00 -17.76
N ALA B 274 -11.24 8.86 -18.45
CA ALA B 274 -10.16 8.44 -19.36
C ALA B 274 -9.90 9.35 -20.57
N ASP B 275 -10.94 9.74 -21.30
CA ASP B 275 -10.72 10.58 -22.46
C ASP B 275 -10.50 12.03 -22.05
N LYS B 276 -11.04 12.39 -20.90
CA LYS B 276 -10.82 13.70 -20.33
C LYS B 276 -9.34 13.91 -20.05
N THR B 277 -8.70 12.92 -19.43
CA THR B 277 -7.31 13.03 -18.99
C THR B 277 -6.36 13.23 -20.16
N LEU B 278 -6.48 12.37 -21.18
CA LEU B 278 -5.69 12.48 -22.40
C LEU B 278 -5.73 13.88 -23.01
N ALA B 279 -6.94 14.40 -23.18
CA ALA B 279 -7.14 15.74 -23.75
C ALA B 279 -6.47 16.80 -22.88
N LEU B 280 -6.63 16.66 -21.56
CA LEU B 280 -6.08 17.61 -20.60
C LEU B 280 -4.55 17.61 -20.61
N MET B 281 -3.94 16.43 -20.56
CA MET B 281 -2.49 16.29 -20.58
C MET B 281 -1.97 16.97 -21.83
N ILE B 282 -2.37 16.44 -22.98
CA ILE B 282 -1.95 16.95 -24.27
C ILE B 282 -1.94 18.47 -24.29
N TYR B 283 -3.01 19.09 -23.82
CA TYR B 283 -3.12 20.54 -23.87
C TYR B 283 -2.03 21.21 -23.05
N HIS B 284 -1.89 20.80 -21.80
CA HIS B 284 -0.96 21.44 -20.88
C HIS B 284 0.50 21.19 -21.26
N LEU B 285 0.79 19.97 -21.73
CA LEU B 285 2.08 19.65 -22.34
C LEU B 285 2.35 20.56 -23.53
N LEU B 286 1.32 20.80 -24.35
CA LEU B 286 1.44 21.75 -25.45
C LEU B 286 1.63 23.18 -24.95
N ASN B 287 0.92 23.53 -23.88
CA ASN B 287 1.03 24.88 -23.30
C ASN B 287 2.36 25.10 -22.58
N ASN B 288 3.05 24.02 -22.26
CA ASN B 288 4.43 24.09 -21.77
C ASN B 288 5.41 23.43 -22.75
N PRO B 289 5.73 24.13 -23.87
CA PRO B 289 6.45 23.51 -24.99
C PRO B 289 7.71 22.79 -24.53
N GLU B 290 8.33 23.33 -23.47
CA GLU B 290 9.51 22.77 -22.85
C GLU B 290 9.30 21.30 -22.46
N GLN B 291 8.23 21.04 -21.73
CA GLN B 291 7.96 19.73 -21.16
C GLN B 291 7.41 18.73 -22.20
N MET B 292 6.91 19.27 -23.32
CA MET B 292 6.57 18.42 -24.46
C MET B 292 7.84 17.82 -25.05
N ASN B 293 8.80 18.67 -25.39
CA ASN B 293 10.10 18.22 -25.89
C ASN B 293 10.79 17.27 -24.92
N ASP B 294 10.62 17.54 -23.62
CA ASP B 294 11.08 16.63 -22.59
C ASP B 294 10.42 15.26 -22.74
N VAL B 295 9.09 15.24 -22.91
CA VAL B 295 8.36 13.99 -22.99
C VAL B 295 8.57 13.27 -24.32
N LEU B 296 8.75 14.04 -25.38
CA LEU B 296 8.96 13.48 -26.71
C LEU B 296 10.23 12.66 -26.74
N ALA B 297 11.27 13.17 -26.07
CA ALA B 297 12.61 12.58 -26.08
C ALA B 297 12.80 11.46 -25.06
N ASP B 298 11.83 11.31 -24.15
CA ASP B 298 11.80 10.20 -23.20
C ASP B 298 10.36 9.81 -22.84
N ARG B 299 9.94 8.63 -23.28
CA ARG B 299 8.57 8.19 -23.05
C ARG B 299 8.31 7.67 -21.64
N SER B 300 9.38 7.42 -20.89
CA SER B 300 9.23 7.07 -19.47
C SER B 300 8.85 8.31 -18.65
N LEU B 301 8.61 9.42 -19.34
CA LEU B 301 8.12 10.62 -18.71
C LEU B 301 6.59 10.67 -18.77
N VAL B 302 6.00 9.84 -19.61
CA VAL B 302 4.54 9.83 -19.75
C VAL B 302 3.86 9.63 -18.38
N PRO B 303 4.22 8.56 -17.64
CA PRO B 303 3.62 8.44 -16.31
C PRO B 303 3.63 9.74 -15.49
N ARG B 304 4.77 10.41 -15.41
CA ARG B 304 4.87 11.72 -14.74
C ARG B 304 3.87 12.73 -15.30
N ALA B 305 3.72 12.76 -16.62
CA ALA B 305 2.81 13.69 -17.29
C ALA B 305 1.34 13.36 -17.04
N ILE B 306 1.05 12.10 -16.78
CA ILE B 306 -0.30 11.69 -16.47
C ILE B 306 -0.67 12.15 -15.06
N ALA B 307 0.18 11.80 -14.10
CA ALA B 307 -0.06 12.09 -12.69
C ALA B 307 -0.08 13.60 -12.39
N GLU B 308 0.86 14.35 -12.95
CA GLU B 308 0.91 15.81 -12.79
C GLU B 308 -0.21 16.55 -13.54
N THR B 309 -0.82 15.88 -14.52
CA THR B 309 -2.03 16.39 -15.17
C THR B 309 -3.20 16.14 -14.23
N LEU B 310 -3.29 14.91 -13.73
CA LEU B 310 -4.36 14.53 -12.80
C LEU B 310 -4.37 15.46 -11.58
N ARG B 311 -3.19 15.77 -11.05
CA ARG B 311 -3.06 16.71 -9.94
C ARG B 311 -3.58 18.10 -10.34
N TYR B 312 -3.36 18.48 -11.59
CA TYR B 312 -3.52 19.88 -12.00
C TYR B 312 -4.94 20.21 -12.43
N LYS B 313 -5.59 19.28 -13.11
CA LYS B 313 -6.95 19.49 -13.58
C LYS B 313 -7.77 18.20 -13.44
N PRO B 314 -7.89 17.68 -12.20
CA PRO B 314 -8.53 16.38 -11.98
C PRO B 314 -9.92 16.25 -12.59
N PRO B 315 -10.13 15.21 -13.43
CA PRO B 315 -11.38 14.95 -14.16
C PRO B 315 -12.60 14.84 -13.23
N VAL B 316 -12.46 14.13 -12.12
CA VAL B 316 -13.50 14.10 -11.09
C VAL B 316 -13.21 15.20 -10.08
N GLN B 317 -13.96 16.30 -10.14
CA GLN B 317 -13.73 17.49 -9.30
C GLN B 317 -14.33 17.39 -7.88
N LEU B 318 -15.37 16.58 -7.72
CA LEU B 318 -16.16 16.52 -6.48
C LEU B 318 -16.54 15.10 -6.14
N ILE B 319 -16.24 14.65 -4.93
CA ILE B 319 -16.64 13.30 -4.52
C ILE B 319 -17.67 13.41 -3.39
N PRO B 320 -18.91 12.98 -3.67
CA PRO B 320 -19.96 13.07 -2.66
C PRO B 320 -19.89 11.92 -1.65
N ARG B 321 -19.88 12.27 -0.38
CA ARG B 321 -19.98 11.28 0.70
C ARG B 321 -21.09 11.69 1.66
N GLN B 322 -21.74 10.70 2.28
CA GLN B 322 -22.85 10.91 3.22
C GLN B 322 -22.49 10.48 4.64
N LEU B 323 -22.90 11.24 5.64
CA LEU B 323 -22.56 10.93 7.03
C LEU B 323 -23.36 9.76 7.60
N SER B 324 -22.70 8.91 8.39
CA SER B 324 -23.37 7.78 9.03
C SER B 324 -23.77 8.15 10.46
N GLN B 325 -23.23 9.29 10.91
CA GLN B 325 -23.41 9.82 12.25
C GLN B 325 -22.97 11.28 12.15
N ASP B 326 -23.34 12.10 13.12
CA ASP B 326 -22.87 13.48 13.10
C ASP B 326 -21.44 13.58 13.62
N THR B 327 -20.59 14.30 12.89
CA THR B 327 -19.18 14.50 13.28
C THR B 327 -18.68 15.91 12.98
N VAL B 328 -17.41 16.14 13.31
CA VAL B 328 -16.73 17.41 13.08
C VAL B 328 -15.87 17.35 11.82
N VAL B 329 -15.93 18.40 11.00
CA VAL B 329 -15.04 18.57 9.85
C VAL B 329 -14.50 20.01 9.88
N GLY B 330 -13.18 20.14 9.89
CA GLY B 330 -12.54 21.45 10.07
C GLY B 330 -12.88 21.97 11.46
N GLY B 331 -13.65 23.06 11.51
CA GLY B 331 -14.13 23.60 12.78
C GLY B 331 -15.59 23.31 13.04
N MET B 332 -16.36 23.18 11.96
CA MET B 332 -17.80 22.99 12.02
C MET B 332 -18.19 21.54 12.29
N GLU B 333 -18.94 21.33 13.38
CA GLU B 333 -19.43 20.01 13.77
C GLU B 333 -20.75 19.67 13.06
N ILE B 334 -20.63 19.17 11.84
CA ILE B 334 -21.79 18.95 10.96
C ILE B 334 -22.78 17.87 11.38
N LYS B 335 -23.94 18.34 11.87
CA LYS B 335 -25.05 17.46 12.24
C LYS B 335 -25.65 16.85 10.99
N LYS B 336 -25.76 15.52 10.97
CA LYS B 336 -26.24 14.80 9.78
C LYS B 336 -27.05 13.54 10.17
N ASP B 337 -27.42 12.64 9.24
CA ASP B 337 -26.69 12.32 8.01
C ASP B 337 -27.19 12.83 6.66
N THR B 338 -26.35 13.62 6.00
CA THR B 338 -26.48 13.91 4.57
C THR B 338 -25.12 14.16 3.92
N ILE B 339 -25.20 14.50 2.63
CA ILE B 339 -24.06 14.58 1.75
C ILE B 339 -23.12 15.78 2.00
N VAL B 340 -21.83 15.52 1.83
CA VAL B 340 -20.78 16.54 1.81
C VAL B 340 -19.92 16.31 0.57
N PHE B 341 -19.36 17.37 0.00
CA PHE B 341 -18.68 17.30 -1.30
C PHE B 341 -17.18 17.61 -1.24
N CYS B 342 -16.37 16.61 -1.53
CA CYS B 342 -14.93 16.77 -1.49
C CYS B 342 -14.41 17.47 -2.73
N MET B 343 -13.76 18.62 -2.55
CA MET B 343 -13.29 19.39 -3.69
C MET B 343 -11.85 19.03 -4.10
N ILE B 344 -11.77 18.04 -4.99
CA ILE B 344 -10.50 17.47 -5.45
C ILE B 344 -9.63 18.53 -6.11
N GLY B 345 -10.26 19.43 -6.85
CA GLY B 345 -9.56 20.57 -7.45
C GLY B 345 -8.92 21.44 -6.38
N ALA B 346 -9.66 21.70 -5.31
CA ALA B 346 -9.19 22.58 -4.24
C ALA B 346 -8.06 21.94 -3.43
N ALA B 347 -8.20 20.66 -3.15
CA ALA B 347 -7.19 19.91 -2.43
C ALA B 347 -5.90 19.71 -3.22
N ASN B 348 -6.02 19.59 -4.53
CA ASN B 348 -4.84 19.38 -5.38
C ASN B 348 -4.01 20.63 -5.59
N ARG B 349 -4.67 21.78 -5.45
CA ARG B 349 -4.01 23.07 -5.58
C ARG B 349 -3.62 23.65 -4.22
N ASP B 350 -3.88 22.90 -3.16
CA ASP B 350 -3.59 23.32 -1.77
C ASP B 350 -2.07 23.42 -1.51
N PRO B 351 -1.60 24.61 -1.09
CA PRO B 351 -0.16 24.85 -0.94
C PRO B 351 0.49 24.02 0.16
N GLU B 352 -0.33 23.45 1.05
CA GLU B 352 0.19 22.66 2.16
C GLU B 352 0.49 21.24 1.70
N ALA B 353 0.28 21.02 0.41
CA ALA B 353 0.42 19.72 -0.21
C ALA B 353 1.50 19.72 -1.29
N PHE B 354 1.53 20.79 -2.09
CA PHE B 354 2.49 20.92 -3.18
C PHE B 354 3.10 22.33 -3.26
N GLU B 355 4.41 22.41 -3.52
CA GLU B 355 5.10 23.69 -3.68
C GLU B 355 4.87 24.27 -5.07
N GLN B 356 4.67 25.58 -5.11
CA GLN B 356 4.15 26.29 -6.31
C GLN B 356 3.01 25.49 -6.94
N PRO B 357 1.94 25.24 -6.17
CA PRO B 357 0.93 24.23 -6.54
C PRO B 357 0.09 24.60 -7.76
N ASP B 358 0.09 25.88 -8.10
CA ASP B 358 -0.65 26.35 -9.25
C ASP B 358 0.21 26.35 -10.51
N VAL B 359 1.33 25.64 -10.49
CA VAL B 359 2.20 25.55 -11.67
C VAL B 359 2.33 24.11 -12.15
N PHE B 360 2.05 23.91 -13.45
CA PHE B 360 2.16 22.60 -14.09
C PHE B 360 3.62 22.23 -14.34
N ASN B 361 4.04 21.10 -13.79
CA ASN B 361 5.45 20.76 -13.76
C ASN B 361 5.67 19.26 -13.61
N ILE B 362 5.69 18.56 -14.76
CA ILE B 362 5.89 17.11 -14.79
C ILE B 362 7.16 16.65 -14.07
N HIS B 363 8.10 17.57 -13.90
CA HIS B 363 9.40 17.25 -13.30
C HIS B 363 9.47 17.46 -11.79
N ARG B 364 8.36 17.94 -11.21
CA ARG B 364 8.33 18.30 -9.79
C ARG B 364 8.58 17.12 -8.86
N GLU B 365 9.26 17.37 -7.75
CA GLU B 365 9.72 16.31 -6.87
C GLU B 365 8.73 15.95 -5.76
N ASP B 366 7.91 16.90 -5.34
CA ASP B 366 6.91 16.63 -4.32
C ASP B 366 5.65 15.93 -4.86
N LEU B 367 5.66 15.64 -6.17
CA LEU B 367 4.58 14.95 -6.85
C LEU B 367 4.42 13.51 -6.40
N GLY B 368 5.54 12.89 -6.02
CA GLY B 368 5.55 11.53 -5.52
C GLY B 368 5.19 10.48 -6.54
N ILE B 369 6.07 10.30 -7.55
CA ILE B 369 5.81 9.37 -8.65
C ILE B 369 5.49 7.94 -8.20
N LYS B 370 6.39 7.34 -7.42
CA LYS B 370 6.18 5.99 -6.88
C LYS B 370 4.71 5.74 -6.57
N SER B 371 4.11 6.66 -5.83
CA SER B 371 2.81 6.47 -5.19
C SER B 371 1.58 6.85 -6.06
N ALA B 372 1.83 7.56 -7.15
CA ALA B 372 0.80 8.29 -7.93
C ALA B 372 -0.36 7.52 -8.57
N PHE B 373 -0.19 6.20 -8.72
CA PHE B 373 -1.24 5.33 -9.23
C PHE B 373 -1.57 4.25 -8.24
N SER B 374 -1.66 4.63 -6.96
CA SER B 374 -2.05 3.72 -5.90
C SER B 374 -2.90 4.42 -4.87
N GLY B 375 -3.51 3.63 -3.99
CA GLY B 375 -4.44 4.16 -2.98
C GLY B 375 -3.80 5.13 -2.03
N ALA B 376 -2.51 5.38 -2.22
CA ALA B 376 -1.74 6.24 -1.34
C ALA B 376 -1.06 7.36 -2.10
N ALA B 377 -1.62 7.74 -3.25
CA ALA B 377 -1.06 8.85 -4.03
C ALA B 377 -1.07 10.16 -3.20
N ARG B 378 -0.10 11.04 -3.48
CA ARG B 378 -0.05 12.39 -2.89
C ARG B 378 -1.18 13.29 -3.43
N HIS B 379 -1.56 13.07 -4.69
CA HIS B 379 -2.66 13.76 -5.34
C HIS B 379 -3.91 12.91 -5.14
N LEU B 380 -5.08 13.47 -5.43
CA LEU B 380 -6.35 12.82 -5.08
C LEU B 380 -7.34 12.69 -6.24
N ALA B 381 -6.82 12.66 -7.45
CA ALA B 381 -7.65 12.48 -8.63
C ALA B 381 -8.32 11.11 -8.64
N PHE B 382 -7.71 10.15 -7.95
CA PHE B 382 -8.28 8.80 -7.83
C PHE B 382 -8.95 8.60 -6.47
N GLY B 383 -9.09 9.67 -5.69
CA GLY B 383 -9.65 9.54 -4.35
C GLY B 383 -8.53 9.28 -3.37
N SER B 384 -8.78 8.44 -2.36
CA SER B 384 -7.77 8.15 -1.34
C SER B 384 -8.13 6.95 -0.47
N GLY B 385 -7.12 6.15 -0.14
CA GLY B 385 -7.26 5.02 0.77
C GLY B 385 -7.96 3.80 0.23
N ILE B 386 -8.42 2.97 1.16
CA ILE B 386 -9.11 1.71 0.87
C ILE B 386 -10.22 1.78 -0.18
N HIS B 387 -10.87 2.94 -0.31
CA HIS B 387 -11.94 3.06 -1.28
C HIS B 387 -11.60 3.97 -2.47
N ASN B 388 -10.38 3.84 -3.00
CA ASN B 388 -10.03 4.66 -4.14
C ASN B 388 -10.60 4.08 -5.44
N CYS B 389 -10.32 4.72 -6.57
CA CYS B 389 -10.67 4.20 -7.90
C CYS B 389 -10.15 2.78 -8.08
N VAL B 390 -11.05 1.85 -8.40
CA VAL B 390 -10.70 0.44 -8.63
C VAL B 390 -9.82 0.22 -9.86
N GLY B 391 -9.74 1.20 -10.75
CA GLY B 391 -9.13 1.01 -12.07
C GLY B 391 -7.89 1.84 -12.29
N THR B 392 -7.32 2.31 -11.19
CA THR B 392 -6.12 3.13 -11.27
C THR B 392 -5.04 2.47 -12.12
N ALA B 393 -4.81 1.17 -11.90
CA ALA B 393 -3.84 0.42 -12.70
C ALA B 393 -4.23 0.45 -14.19
N PHE B 394 -5.49 0.16 -14.47
CA PHE B 394 -6.02 0.19 -15.83
C PHE B 394 -5.91 1.60 -16.43
N ALA B 395 -6.21 2.63 -15.65
CA ALA B 395 -6.16 3.99 -16.14
C ALA B 395 -4.80 4.25 -16.75
N LYS B 396 -3.79 4.17 -15.90
CA LYS B 396 -2.40 4.38 -16.24
C LYS B 396 -2.02 3.69 -17.54
N ASN B 397 -2.34 2.41 -17.65
CA ASN B 397 -1.97 1.63 -18.82
C ASN B 397 -2.72 2.08 -20.09
N GLU B 398 -4.03 2.27 -19.99
CA GLU B 398 -4.85 2.74 -21.10
C GLU B 398 -4.42 4.11 -21.60
N ILE B 399 -4.09 5.00 -20.68
CA ILE B 399 -3.74 6.37 -21.02
C ILE B 399 -2.31 6.45 -21.54
N GLU B 400 -1.44 5.64 -20.97
CA GLU B 400 -0.06 5.58 -21.42
C GLU B 400 0.03 5.13 -22.87
N ILE B 401 -0.78 4.14 -23.22
CA ILE B 401 -0.75 3.58 -24.56
C ILE B 401 -1.23 4.57 -25.64
N VAL B 402 -2.41 5.17 -25.45
CA VAL B 402 -2.84 6.25 -26.35
C VAL B 402 -1.85 7.39 -26.37
N ALA B 403 -1.51 7.96 -25.21
CA ALA B 403 -0.47 9.01 -25.16
C ALA B 403 0.67 8.72 -26.13
N ASN B 404 1.26 7.53 -26.02
CA ASN B 404 2.41 7.17 -26.83
C ASN B 404 2.09 7.12 -28.32
N ILE B 405 0.88 6.64 -28.62
CA ILE B 405 0.43 6.45 -30.01
C ILE B 405 0.08 7.79 -30.66
N VAL B 406 -0.55 8.66 -29.88
CA VAL B 406 -0.91 9.97 -30.36
C VAL B 406 0.35 10.73 -30.74
N LEU B 407 1.35 10.66 -29.87
CA LEU B 407 2.66 11.30 -30.10
C LEU B 407 3.52 10.62 -31.17
N ASP B 408 3.15 9.41 -31.59
CA ASP B 408 3.78 8.79 -32.76
C ASP B 408 3.08 9.23 -34.03
N LYS B 409 1.76 9.04 -34.08
CA LYS B 409 0.96 9.33 -35.27
C LYS B 409 0.85 10.82 -35.59
N MET B 410 0.81 11.67 -34.57
CA MET B 410 0.66 13.11 -34.80
C MET B 410 2.01 13.85 -34.64
N ARG B 411 2.86 13.65 -35.64
CA ARG B 411 4.21 14.21 -35.68
C ARG B 411 4.14 15.73 -35.87
N ASN B 412 4.89 16.46 -35.03
CA ASN B 412 4.92 17.94 -35.02
C ASN B 412 3.62 18.57 -34.50
N ILE B 413 2.98 17.92 -33.52
CA ILE B 413 1.75 18.40 -32.89
C ILE B 413 1.83 19.85 -32.42
N ARG B 414 0.73 20.59 -32.62
CA ARG B 414 0.60 21.95 -32.12
C ARG B 414 -0.87 22.34 -32.00
N LEU B 415 -1.16 23.25 -31.09
CA LEU B 415 -2.49 23.81 -30.96
C LEU B 415 -2.81 24.60 -32.21
N GLU B 416 -3.98 24.33 -32.77
CA GLU B 416 -4.45 25.01 -33.99
C GLU B 416 -4.59 26.51 -33.79
N GLU B 417 -4.28 27.27 -34.84
CA GLU B 417 -4.47 28.71 -34.87
C GLU B 417 -5.88 29.09 -34.43
N ASP B 418 -5.98 30.15 -33.63
CA ASP B 418 -7.27 30.71 -33.17
C ASP B 418 -8.09 29.79 -32.27
N PHE B 419 -7.66 28.54 -32.10
CA PHE B 419 -8.27 27.65 -31.15
C PHE B 419 -8.29 28.33 -29.78
N CYS B 420 -9.45 28.31 -29.12
CA CYS B 420 -9.60 28.92 -27.81
C CYS B 420 -9.97 27.86 -26.78
N TYR B 421 -9.07 27.64 -25.83
CA TYR B 421 -9.20 26.53 -24.89
C TYR B 421 -10.29 26.78 -23.85
N ALA B 422 -11.21 25.82 -23.71
CA ALA B 422 -12.30 25.94 -22.74
C ALA B 422 -12.67 24.61 -22.09
N GLU B 423 -12.95 24.65 -20.79
CA GLU B 423 -13.35 23.46 -20.05
C GLU B 423 -14.84 23.54 -19.72
N SER B 424 -15.43 22.40 -19.37
CA SER B 424 -16.85 22.36 -18.97
C SER B 424 -17.12 21.33 -17.88
N GLY B 425 -18.10 21.62 -17.03
CA GLY B 425 -18.54 20.68 -16.00
C GLY B 425 -18.27 21.08 -14.56
N LEU B 426 -19.00 20.47 -13.63
CA LEU B 426 -18.82 20.70 -12.19
C LEU B 426 -18.44 19.45 -11.42
N TYR B 427 -19.21 18.38 -11.60
CA TYR B 427 -18.88 17.10 -11.01
C TYR B 427 -17.71 16.45 -11.76
N THR B 428 -17.77 16.49 -13.08
CA THR B 428 -16.60 16.15 -13.89
C THR B 428 -16.27 17.34 -14.77
N ARG B 429 -15.00 17.43 -15.17
CA ARG B 429 -14.56 18.58 -15.95
C ARG B 429 -13.47 18.21 -16.93
N GLY B 430 -13.66 18.63 -18.18
CA GLY B 430 -12.67 18.47 -19.22
C GLY B 430 -12.94 19.48 -20.33
N PRO B 431 -12.12 19.44 -21.39
CA PRO B 431 -12.24 20.43 -22.46
C PRO B 431 -13.50 20.24 -23.28
N VAL B 432 -14.02 21.34 -23.82
CA VAL B 432 -15.14 21.30 -24.76
C VAL B 432 -14.64 20.74 -26.10
N SER B 433 -13.35 20.94 -26.36
CA SER B 433 -12.68 20.50 -27.57
C SER B 433 -11.17 20.71 -27.46
N LEU B 434 -10.44 19.97 -28.28
CA LEU B 434 -9.00 20.17 -28.41
C LEU B 434 -8.61 20.11 -29.89
N LEU B 435 -8.47 21.28 -30.51
CA LEU B 435 -8.14 21.36 -31.94
C LEU B 435 -6.62 21.40 -32.14
N VAL B 436 -6.09 20.33 -32.72
CA VAL B 436 -4.65 20.17 -32.91
C VAL B 436 -4.28 20.04 -34.38
N ALA B 437 -3.00 20.26 -34.68
CA ALA B 437 -2.49 20.19 -36.05
C ALA B 437 -1.16 19.44 -36.08
N PHE B 438 -0.94 18.67 -37.14
CA PHE B 438 0.26 17.86 -37.28
C PHE B 438 0.52 17.56 -38.74
N ASP B 439 1.60 16.84 -39.01
CA ASP B 439 1.95 16.46 -40.37
C ASP B 439 1.26 15.16 -40.74
#